data_9U9F
#
_entry.id   9U9F
#
_cell.length_a   1.00
_cell.length_b   1.00
_cell.length_c   1.00
_cell.angle_alpha   90.00
_cell.angle_beta   90.00
_cell.angle_gamma   90.00
#
_symmetry.space_group_name_H-M   'P 1'
#
loop_
_entity.id
_entity.type
_entity.pdbx_description
1 polymer 'SULTR-like phosphorus distribution transporter'
2 non-polymer 'PHOSPHATE ION'
#
_entity_poly.entity_id   1
_entity_poly.type   'polypeptide(L)'
_entity_poly.pdbx_seq_one_letter_code
;MVVNNKVDSLSYDVEAPPAQAPTTPAVVSAPPTPRGEAPAMTTTAAAELHKVSVPERRSTAKALRQRLAEVFFPDDPLHQ
FKNQSSARRLVLALQYFFPIFHWGSDYSLRLLRSDVVSGLTIASLAIPQGISYAKLANLPPIIGLYSSFVPPLIYSLLGS
SRDLAVGPVSIASLVMGSMLRQAVSPDQEPILYLQLAFTSTFFAGVFQASLGFLRLGFIVDFLSKATLTGFMGGAAIIVS
LQQLKGLLGIIHFTSQMGFVQVMHSVFKHHDEWAWQTILMGVAFLAVLLTTRHISARNPKLFWVSAAAPLTSVIISTIIS
FVSKAHGISVIGDLPKGLNPPSANMLTFSGSYVGLALNTGIMTGILSLTEGIAVGRTFASINNYQVDGNKEMMAIGVMNM
AGSCASCYVTTGSFSRSAVNYSAGCKTAVSNIVMASAVLVTLLFLMPLFHYTPNVILSAIIITAVIGLIDVRGAARLWKV
DKLDFLACMAAFLGVLLVSVQMGLAIAVGISLFKILLQVTRPNMVVKGVVPGTASYRSMAQYREAMRVPSFLVVGVESAI
YFANSMYLGERIMRFLREEDERAAKCNQCPVRCIILDMSAVAAIDTSGLDALAELKKVLEKRNIELVLANPVGSVTERLY
NSVVGKTFGSDRVFFSVAEAVAAAPHKTQP
;
_entity_poly.pdbx_strand_id   A,B
#
loop_
_chem_comp.id
_chem_comp.type
_chem_comp.name
_chem_comp.formula
PO4 non-polymer 'PHOSPHATE ION' 'O4 P -3'
#
# COMPACT_ATOMS: atom_id res chain seq x y z
N LEU A 49 6.51 6.92 39.86
CA LEU A 49 5.84 7.08 38.57
C LEU A 49 6.67 7.96 37.65
N HIS A 50 6.63 7.66 36.34
CA HIS A 50 7.38 8.42 35.36
C HIS A 50 6.43 9.00 34.32
N LYS A 51 6.60 10.28 34.02
CA LYS A 51 5.72 11.01 33.14
C LYS A 51 6.11 10.76 31.69
N VAL A 52 5.11 10.74 30.81
CA VAL A 52 5.30 10.48 29.39
C VAL A 52 5.40 11.83 28.67
N SER A 53 6.58 12.14 28.15
CA SER A 53 6.82 13.40 27.48
C SER A 53 6.38 13.35 26.02
N VAL A 54 6.53 14.48 25.34
CA VAL A 54 6.27 14.58 23.91
C VAL A 54 7.52 15.11 23.24
N PRO A 55 7.76 14.74 21.98
CA PRO A 55 8.92 15.32 21.28
C PRO A 55 8.63 16.73 20.77
N LEU A 90 25.91 33.39 -4.99
CA LEU A 90 26.36 32.68 -6.20
C LEU A 90 27.32 31.56 -5.81
N VAL A 91 27.95 31.70 -4.64
CA VAL A 91 28.85 30.66 -4.16
C VAL A 91 28.06 29.45 -3.69
N LEU A 92 27.00 29.68 -2.91
CA LEU A 92 26.10 28.59 -2.54
C LEU A 92 25.27 28.11 -3.73
N ALA A 93 24.98 29.01 -4.68
CA ALA A 93 24.24 28.62 -5.88
C ALA A 93 25.06 27.68 -6.77
N LEU A 94 26.39 27.76 -6.70
CA LEU A 94 27.26 26.81 -7.37
C LEU A 94 27.79 25.74 -6.41
N GLN A 95 27.16 25.59 -5.25
CA GLN A 95 27.47 24.49 -4.33
C GLN A 95 26.25 23.70 -3.91
N TYR A 96 25.05 24.27 -4.00
CA TYR A 96 23.81 23.53 -3.80
C TYR A 96 23.38 22.80 -5.07
N PHE A 97 23.79 23.29 -6.23
CA PHE A 97 23.51 22.65 -7.51
C PHE A 97 24.70 21.86 -8.05
N PHE A 98 25.92 22.36 -7.82
CA PHE A 98 27.14 21.73 -8.32
C PHE A 98 28.00 21.31 -7.14
N PRO A 99 27.96 20.04 -6.72
CA PRO A 99 28.80 19.60 -5.60
C PRO A 99 30.29 19.58 -5.89
N ILE A 100 30.71 19.73 -7.14
CA ILE A 100 32.14 19.68 -7.47
C ILE A 100 32.90 20.87 -6.91
N PHE A 101 32.21 21.97 -6.60
CA PHE A 101 32.84 23.10 -5.92
C PHE A 101 33.01 22.85 -4.43
N HIS A 102 32.38 21.82 -3.88
CA HIS A 102 32.55 21.49 -2.46
C HIS A 102 33.69 20.51 -2.24
N TRP A 103 33.64 19.35 -2.90
CA TRP A 103 34.70 18.36 -2.73
C TRP A 103 35.91 18.64 -3.62
N GLY A 104 35.87 19.68 -4.43
CA GLY A 104 37.05 20.08 -5.18
C GLY A 104 38.07 20.88 -4.40
N SER A 105 37.77 21.18 -3.14
CA SER A 105 38.72 21.91 -2.30
C SER A 105 39.73 20.98 -1.65
N ASP A 106 39.34 19.73 -1.35
CA ASP A 106 40.20 18.77 -0.70
C ASP A 106 40.94 17.88 -1.69
N TYR A 107 40.94 18.24 -2.97
CA TYR A 107 41.50 17.35 -3.99
C TYR A 107 43.03 17.48 -4.00
N SER A 108 43.70 16.41 -3.59
CA SER A 108 45.14 16.36 -3.55
C SER A 108 45.69 15.74 -4.84
N LEU A 109 47.01 15.63 -4.91
CA LEU A 109 47.65 14.84 -5.96
C LEU A 109 47.79 13.38 -5.58
N ARG A 110 47.62 13.06 -4.30
CA ARG A 110 47.51 11.66 -3.87
C ARG A 110 46.14 11.09 -4.23
N LEU A 111 45.13 11.95 -4.31
CA LEU A 111 43.82 11.55 -4.81
C LEU A 111 43.73 11.57 -6.33
N LEU A 112 44.65 12.26 -7.00
CA LEU A 112 44.73 12.17 -8.46
C LEU A 112 45.47 10.92 -8.91
N ARG A 113 46.43 10.46 -8.12
CA ARG A 113 47.09 9.19 -8.42
C ARG A 113 46.14 8.02 -8.25
N SER A 114 45.15 8.13 -7.36
CA SER A 114 44.24 7.03 -7.12
C SER A 114 43.07 7.01 -8.09
N ASP A 115 42.67 8.17 -8.62
CA ASP A 115 41.56 8.25 -9.55
C ASP A 115 41.99 8.04 -11.00
N VAL A 116 43.28 8.19 -11.31
CA VAL A 116 43.77 7.89 -12.65
C VAL A 116 43.85 6.38 -12.85
N VAL A 117 44.37 5.66 -11.85
CA VAL A 117 44.45 4.20 -11.94
C VAL A 117 43.07 3.57 -11.95
N SER A 118 42.15 4.08 -11.14
CA SER A 118 40.80 3.55 -11.13
C SER A 118 39.92 4.11 -12.24
N GLY A 119 40.38 5.11 -12.97
CA GLY A 119 39.63 5.66 -14.08
C GLY A 119 40.07 5.06 -15.40
N LEU A 120 41.33 4.66 -15.49
CA LEU A 120 41.81 3.95 -16.66
C LEU A 120 41.53 2.45 -16.57
N THR A 121 41.35 1.92 -15.35
CA THR A 121 40.81 0.58 -15.19
C THR A 121 39.36 0.54 -15.63
N ILE A 122 38.65 1.65 -15.45
CA ILE A 122 37.22 1.69 -15.74
C ILE A 122 36.92 2.22 -17.13
N ALA A 123 37.87 2.91 -17.78
CA ALA A 123 37.80 3.11 -19.22
C ALA A 123 38.61 2.03 -19.94
N SER A 124 38.37 0.81 -19.49
CA SER A 124 38.81 -0.42 -20.13
C SER A 124 37.71 -1.47 -20.05
N LEU A 125 36.72 -1.25 -19.18
CA LEU A 125 35.48 -1.98 -19.16
C LEU A 125 34.34 -1.19 -19.78
N ALA A 126 34.56 0.08 -20.13
CA ALA A 126 33.53 0.94 -20.66
C ALA A 126 33.49 0.94 -22.19
N ILE A 127 34.65 0.89 -22.81
CA ILE A 127 34.74 0.84 -24.27
C ILE A 127 34.21 -0.50 -24.81
N PRO A 128 34.60 -1.71 -24.30
CA PRO A 128 33.99 -2.92 -24.86
C PRO A 128 32.54 -3.17 -24.44
N GLN A 129 32.15 -2.78 -23.22
CA GLN A 129 30.79 -3.04 -22.77
C GLN A 129 29.83 -1.90 -23.07
N GLY A 130 30.32 -0.76 -23.51
CA GLY A 130 29.40 0.28 -23.94
C GLY A 130 28.98 0.02 -25.37
N ILE A 131 29.95 -0.39 -26.18
CA ILE A 131 29.70 -0.83 -27.56
C ILE A 131 28.77 -2.03 -27.57
N SER A 132 28.98 -2.95 -26.63
CA SER A 132 28.19 -4.18 -26.57
C SER A 132 26.75 -3.92 -26.19
N TYR A 133 26.53 -3.05 -25.20
CA TYR A 133 25.17 -2.80 -24.76
C TYR A 133 24.41 -1.87 -25.69
N ALA A 134 25.11 -1.16 -26.58
CA ALA A 134 24.42 -0.45 -27.64
C ALA A 134 23.90 -1.40 -28.70
N LYS A 135 24.61 -2.50 -28.95
CA LYS A 135 24.09 -3.53 -29.85
C LYS A 135 22.92 -4.27 -29.22
N LEU A 136 22.92 -4.42 -27.90
CA LEU A 136 21.82 -5.04 -27.20
C LEU A 136 20.56 -4.18 -27.25
N ALA A 137 20.73 -2.86 -27.37
CA ALA A 137 19.63 -1.94 -27.54
C ALA A 137 19.31 -1.68 -29.00
N ASN A 138 19.89 -2.48 -29.91
CA ASN A 138 19.71 -2.39 -31.37
C ASN A 138 20.15 -1.05 -31.94
N LEU A 139 21.09 -0.41 -31.27
CA LEU A 139 21.64 0.87 -31.69
C LEU A 139 22.94 0.64 -32.44
N PRO A 140 23.46 1.67 -33.13
CA PRO A 140 24.82 1.58 -33.62
C PRO A 140 25.80 1.45 -32.47
N PRO A 141 26.93 0.77 -32.69
CA PRO A 141 27.86 0.51 -31.59
C PRO A 141 28.58 1.75 -31.06
N ILE A 142 28.55 2.87 -31.78
CA ILE A 142 29.18 4.09 -31.28
C ILE A 142 28.27 4.87 -30.34
N ILE A 143 26.98 4.53 -30.27
CA ILE A 143 26.07 5.22 -29.35
C ILE A 143 26.41 4.86 -27.91
N GLY A 144 26.97 3.68 -27.68
CA GLY A 144 27.44 3.34 -26.36
C GLY A 144 28.75 4.00 -25.97
N LEU A 145 29.51 4.48 -26.94
CA LEU A 145 30.72 5.23 -26.66
C LEU A 145 30.46 6.73 -26.54
N TYR A 146 29.41 7.22 -27.21
CA TYR A 146 28.92 8.56 -26.94
C TYR A 146 28.36 8.66 -25.55
N SER A 147 27.76 7.58 -25.06
CA SER A 147 27.17 7.48 -23.73
C SER A 147 28.18 7.23 -22.63
N SER A 148 29.47 7.17 -22.95
CA SER A 148 30.52 7.06 -21.96
C SER A 148 31.42 8.29 -21.94
N PHE A 149 31.03 9.37 -22.61
CA PHE A 149 31.81 10.60 -22.60
C PHE A 149 31.09 11.75 -21.92
N VAL A 150 29.91 12.15 -22.39
CA VAL A 150 29.21 13.30 -21.82
C VAL A 150 28.41 12.96 -20.57
N PRO A 151 27.67 11.85 -20.46
CA PRO A 151 27.03 11.53 -19.17
C PRO A 151 28.01 11.22 -18.03
N PRO A 152 29.23 10.68 -18.27
CA PRO A 152 30.21 10.73 -17.17
C PRO A 152 30.68 12.12 -16.81
N LEU A 153 30.68 13.07 -17.75
CA LEU A 153 31.14 14.41 -17.43
C LEU A 153 30.06 15.23 -16.73
N ILE A 154 28.80 15.00 -17.06
CA ILE A 154 27.70 15.74 -16.42
C ILE A 154 27.54 15.31 -14.97
N TYR A 155 27.69 14.01 -14.71
CA TYR A 155 27.55 13.50 -13.34
C TYR A 155 28.70 13.94 -12.46
N SER A 156 29.88 14.17 -13.01
CA SER A 156 31.00 14.63 -12.20
C SER A 156 30.79 16.06 -11.70
N LEU A 157 29.89 16.82 -12.33
CA LEU A 157 29.51 18.14 -11.89
C LEU A 157 28.37 18.11 -10.89
N LEU A 158 27.40 17.20 -11.06
CA LEU A 158 26.18 17.21 -10.26
C LEU A 158 26.05 16.03 -9.31
N GLY A 159 27.02 15.14 -9.26
CA GLY A 159 26.87 13.93 -8.48
C GLY A 159 27.35 14.05 -7.05
N SER A 160 26.81 13.16 -6.21
CA SER A 160 27.08 13.17 -4.79
C SER A 160 27.81 11.92 -4.33
N SER A 161 28.13 11.00 -5.22
CA SER A 161 28.75 9.73 -4.86
C SER A 161 30.17 9.68 -5.39
N ARG A 162 31.08 9.19 -4.55
CA ARG A 162 32.48 9.11 -4.93
C ARG A 162 32.84 7.86 -5.71
N ASP A 163 32.01 6.81 -5.62
CA ASP A 163 32.35 5.52 -6.19
C ASP A 163 31.43 5.10 -7.32
N LEU A 164 30.43 5.90 -7.65
CA LEU A 164 29.48 5.54 -8.69
C LEU A 164 30.08 5.79 -10.07
N ALA A 165 29.87 4.84 -10.98
CA ALA A 165 30.42 4.87 -12.32
C ALA A 165 29.30 4.96 -13.34
N VAL A 166 29.35 5.97 -14.20
CA VAL A 166 28.26 6.29 -15.11
C VAL A 166 28.56 5.69 -16.47
N GLY A 167 27.63 4.88 -16.97
CA GLY A 167 27.70 4.40 -18.33
C GLY A 167 26.42 3.72 -18.74
N PRO A 168 26.38 3.16 -19.94
CA PRO A 168 25.23 2.34 -20.34
C PRO A 168 25.15 1.07 -19.52
N VAL A 169 23.92 0.59 -19.33
CA VAL A 169 23.60 -0.41 -18.33
C VAL A 169 22.87 -1.57 -19.02
N SER A 170 23.19 -2.80 -18.60
CA SER A 170 22.73 -4.00 -19.29
C SER A 170 21.22 -4.19 -19.19
N ILE A 171 20.57 -3.78 -18.10
CA ILE A 171 19.13 -3.95 -18.03
C ILE A 171 18.40 -2.81 -18.72
N ALA A 172 18.93 -1.59 -18.67
CA ALA A 172 18.29 -0.46 -19.34
C ALA A 172 18.42 -0.56 -20.85
N SER A 173 19.49 -1.20 -21.33
CA SER A 173 19.67 -1.41 -22.76
C SER A 173 18.84 -2.57 -23.27
N LEU A 174 18.64 -3.59 -22.44
CA LEU A 174 17.87 -4.76 -22.84
C LEU A 174 16.37 -4.46 -22.91
N VAL A 175 15.89 -3.53 -22.09
CA VAL A 175 14.48 -3.19 -22.08
C VAL A 175 14.18 -2.12 -23.13
N MET A 176 15.11 -1.19 -23.34
CA MET A 176 14.93 -0.21 -24.42
C MET A 176 15.00 -0.88 -25.78
N GLY A 177 15.93 -1.81 -25.97
CA GLY A 177 15.99 -2.52 -27.22
C GLY A 177 14.94 -3.57 -27.42
N SER A 178 14.12 -3.87 -26.42
CA SER A 178 12.99 -4.77 -26.58
C SER A 178 11.66 -4.04 -26.74
N MET A 179 11.53 -2.85 -26.18
CA MET A 179 10.30 -2.07 -26.30
C MET A 179 10.21 -1.34 -27.62
N LEU A 180 11.35 -0.95 -28.19
CA LEU A 180 11.37 -0.28 -29.49
C LEU A 180 11.53 -1.25 -30.65
N ARG A 181 11.89 -2.50 -30.39
CA ARG A 181 12.08 -3.46 -31.48
C ARG A 181 10.75 -3.89 -32.08
N GLN A 182 9.70 -3.94 -31.27
CA GLN A 182 8.43 -4.52 -31.68
C GLN A 182 7.47 -3.50 -32.26
N ALA A 183 7.94 -2.29 -32.52
CA ALA A 183 7.11 -1.29 -33.19
C ALA A 183 7.86 -0.69 -34.38
N VAL A 184 9.17 -0.52 -34.24
CA VAL A 184 10.02 0.03 -35.28
C VAL A 184 11.14 -0.97 -35.54
N SER A 185 11.30 -1.38 -36.77
CA SER A 185 12.39 -2.30 -37.08
C SER A 185 13.70 -1.51 -37.14
N PRO A 186 14.74 -1.94 -36.42
CA PRO A 186 16.01 -1.21 -36.46
C PRO A 186 16.76 -1.38 -37.77
N ASP A 187 16.46 -2.42 -38.55
CA ASP A 187 17.20 -2.68 -39.77
C ASP A 187 16.57 -1.98 -40.98
N GLN A 188 15.26 -1.88 -41.03
CA GLN A 188 14.60 -1.25 -42.18
C GLN A 188 14.36 0.24 -41.97
N GLU A 189 14.16 0.66 -40.72
CA GLU A 189 13.96 2.07 -40.38
C GLU A 189 15.06 2.48 -39.39
N PRO A 190 16.27 2.77 -39.88
CA PRO A 190 17.34 3.15 -38.96
C PRO A 190 17.19 4.54 -38.39
N ILE A 191 16.79 5.51 -39.22
CA ILE A 191 16.72 6.90 -38.80
C ILE A 191 15.56 7.10 -37.83
N LEU A 192 14.44 6.40 -38.05
CA LEU A 192 13.34 6.42 -37.09
C LEU A 192 13.72 5.69 -35.80
N TYR A 193 14.66 4.75 -35.86
CA TYR A 193 15.07 4.07 -34.64
C TYR A 193 16.00 4.94 -33.81
N LEU A 194 16.87 5.74 -34.44
CA LEU A 194 17.64 6.73 -33.69
C LEU A 194 16.91 8.06 -33.60
N GLN A 195 15.61 7.97 -33.31
CA GLN A 195 14.81 9.11 -32.90
C GLN A 195 13.89 8.76 -31.76
N LEU A 196 13.68 7.47 -31.49
CA LEU A 196 12.97 7.00 -30.32
C LEU A 196 13.91 6.46 -29.26
N ALA A 197 15.18 6.23 -29.59
CA ALA A 197 16.17 5.97 -28.55
C ALA A 197 16.65 7.25 -27.91
N PHE A 198 16.59 8.36 -28.64
CA PHE A 198 16.96 9.66 -28.10
C PHE A 198 15.78 10.37 -27.46
N THR A 199 14.55 10.08 -27.89
CA THR A 199 13.39 10.66 -27.22
C THR A 199 13.04 9.89 -25.95
N SER A 200 13.34 8.60 -25.91
CA SER A 200 13.10 7.85 -24.69
C SER A 200 14.11 8.20 -23.62
N THR A 201 15.34 8.52 -24.04
CA THR A 201 16.36 8.98 -23.11
C THR A 201 16.01 10.35 -22.54
N PHE A 202 15.41 11.21 -23.37
CA PHE A 202 14.92 12.48 -22.89
C PHE A 202 13.75 12.29 -21.94
N PHE A 203 12.81 11.42 -22.29
CA PHE A 203 11.67 11.16 -21.43
C PHE A 203 12.02 10.30 -20.22
N ALA A 204 13.16 9.59 -20.25
CA ALA A 204 13.70 9.03 -19.01
C ALA A 204 14.38 10.10 -18.20
N GLY A 205 14.97 11.09 -18.88
CA GLY A 205 15.61 12.17 -18.16
C GLY A 205 14.63 13.07 -17.44
N VAL A 206 13.55 13.46 -18.12
CA VAL A 206 12.55 14.32 -17.47
C VAL A 206 11.67 13.55 -16.50
N PHE A 207 11.74 12.23 -16.49
CA PHE A 207 11.04 11.47 -15.46
C PHE A 207 11.91 11.30 -14.21
N GLN A 208 13.21 11.08 -14.40
CA GLN A 208 14.10 10.94 -13.26
C GLN A 208 14.37 12.28 -12.58
N ALA A 209 14.48 13.35 -13.36
CA ALA A 209 14.74 14.67 -12.78
C ALA A 209 13.51 15.23 -12.09
N SER A 210 12.32 15.01 -12.65
CA SER A 210 11.08 15.49 -12.03
C SER A 210 10.48 14.46 -11.08
N LEU A 211 11.29 13.55 -10.59
CA LEU A 211 10.94 12.69 -9.47
C LEU A 211 11.80 12.95 -8.25
N GLY A 212 12.97 13.57 -8.41
CA GLY A 212 13.79 14.01 -7.31
C GLY A 212 13.65 15.50 -7.07
N PHE A 213 13.10 16.22 -8.05
CA PHE A 213 12.78 17.62 -7.83
C PHE A 213 11.49 17.80 -7.04
N LEU A 214 10.53 16.89 -7.23
CA LEU A 214 9.30 16.87 -6.45
C LEU A 214 9.47 16.17 -5.10
N ARG A 215 10.70 15.80 -4.75
CA ARG A 215 11.04 15.07 -3.52
C ARG A 215 10.25 13.77 -3.40
N LEU A 216 10.04 13.13 -4.55
CA LEU A 216 9.18 11.97 -4.68
C LEU A 216 9.96 10.68 -4.88
N GLY A 217 11.26 10.70 -4.62
CA GLY A 217 11.99 9.47 -4.78
C GLY A 217 12.02 8.66 -3.51
N PHE A 218 10.98 7.86 -3.36
CA PHE A 218 10.95 6.69 -2.49
C PHE A 218 10.19 5.58 -3.18
N ILE A 219 9.63 5.84 -4.37
CA ILE A 219 8.89 4.86 -5.12
C ILE A 219 9.79 3.96 -5.96
N VAL A 220 11.09 4.29 -6.05
CA VAL A 220 12.05 3.34 -6.60
C VAL A 220 12.46 2.29 -5.57
N ASP A 221 12.07 2.48 -4.31
CA ASP A 221 12.19 1.46 -3.29
C ASP A 221 11.04 0.47 -3.33
N PHE A 222 9.95 0.79 -4.04
CA PHE A 222 8.88 -0.17 -4.26
C PHE A 222 9.29 -1.29 -5.19
N LEU A 223 10.31 -1.05 -6.02
CA LEU A 223 10.89 -2.06 -6.89
C LEU A 223 11.73 -2.98 -6.03
N SER A 224 11.16 -4.12 -5.64
CA SER A 224 11.85 -5.05 -4.77
C SER A 224 12.95 -5.79 -5.53
N LYS A 225 13.82 -6.46 -4.77
CA LYS A 225 14.82 -7.33 -5.36
C LYS A 225 14.21 -8.63 -5.88
N ALA A 226 13.03 -9.00 -5.38
CA ALA A 226 12.30 -10.14 -5.91
C ALA A 226 11.58 -9.82 -7.20
N THR A 227 11.05 -8.60 -7.32
CA THR A 227 10.47 -8.11 -8.56
C THR A 227 11.49 -7.98 -9.67
N LEU A 228 12.71 -7.54 -9.37
CA LEU A 228 13.77 -7.39 -10.35
C LEU A 228 14.56 -8.68 -10.55
N THR A 229 14.04 -9.79 -10.08
CA THR A 229 14.58 -11.10 -10.41
C THR A 229 13.75 -11.83 -11.45
N GLY A 230 12.43 -11.71 -11.38
CA GLY A 230 11.57 -12.25 -12.40
C GLY A 230 11.51 -11.36 -13.62
N PHE A 231 11.65 -10.05 -13.42
CA PHE A 231 11.70 -9.12 -14.54
C PHE A 231 12.97 -9.33 -15.35
N MET A 232 14.13 -9.11 -14.73
CA MET A 232 15.39 -9.44 -15.37
C MET A 232 15.55 -10.95 -15.37
N GLY A 233 15.06 -11.60 -16.42
CA GLY A 233 14.96 -13.04 -16.44
C GLY A 233 13.69 -13.47 -17.12
N GLY A 234 12.69 -12.60 -17.08
CA GLY A 234 11.50 -12.76 -17.89
C GLY A 234 11.58 -11.84 -19.08
N ALA A 235 12.42 -10.82 -18.98
CA ALA A 235 12.73 -9.96 -20.10
C ALA A 235 14.01 -10.34 -20.80
N ALA A 236 14.84 -11.18 -20.18
CA ALA A 236 16.04 -11.72 -20.81
C ALA A 236 15.74 -12.93 -21.68
N ILE A 237 14.49 -13.37 -21.71
CA ILE A 237 14.06 -14.45 -22.59
C ILE A 237 13.38 -13.90 -23.84
N ILE A 238 12.53 -12.88 -23.68
CA ILE A 238 11.86 -12.30 -24.84
C ILE A 238 12.81 -11.46 -25.69
N VAL A 239 13.98 -11.11 -25.17
CA VAL A 239 15.05 -10.57 -26.02
C VAL A 239 15.79 -11.72 -26.70
N SER A 240 15.99 -12.82 -25.97
CA SER A 240 16.59 -14.01 -26.56
C SER A 240 15.67 -14.67 -27.57
N LEU A 241 14.36 -14.42 -27.49
CA LEU A 241 13.45 -14.91 -28.52
C LEU A 241 13.46 -13.99 -29.74
N GLN A 242 13.50 -12.67 -29.52
CA GLN A 242 13.54 -11.73 -30.63
C GLN A 242 14.85 -11.81 -31.41
N GLN A 243 15.94 -12.17 -30.72
CA GLN A 243 17.22 -12.40 -31.36
C GLN A 243 17.39 -13.86 -31.76
N LEU A 244 16.30 -14.62 -31.79
CA LEU A 244 16.27 -15.96 -32.36
C LEU A 244 15.46 -16.03 -33.63
N LYS A 245 14.54 -15.09 -33.86
CA LYS A 245 13.78 -15.01 -35.10
C LYS A 245 14.58 -14.34 -36.20
N GLY A 246 15.20 -13.21 -35.90
CA GLY A 246 15.99 -12.48 -36.90
C GLY A 246 17.31 -13.11 -37.26
N LEU A 247 17.79 -14.06 -36.46
CA LEU A 247 19.05 -14.73 -36.75
C LEU A 247 18.92 -15.80 -37.84
N LEU A 248 17.77 -16.46 -37.93
CA LEU A 248 17.55 -17.49 -38.93
C LEU A 248 17.32 -16.87 -40.31
N ALA A 274 28.87 -18.77 -41.29
CA ALA A 274 30.13 -19.49 -41.47
C ALA A 274 30.43 -20.37 -40.26
N TRP A 275 31.68 -20.85 -40.15
CA TRP A 275 32.04 -21.77 -39.09
C TRP A 275 32.99 -21.21 -38.05
N GLN A 276 33.93 -20.33 -38.41
CA GLN A 276 34.78 -19.74 -37.38
C GLN A 276 34.05 -18.64 -36.61
N THR A 277 33.00 -18.08 -37.21
CA THR A 277 32.06 -17.23 -36.48
C THR A 277 31.46 -17.97 -35.28
N ILE A 278 31.13 -19.25 -35.46
CA ILE A 278 30.62 -20.04 -34.36
C ILE A 278 31.71 -20.35 -33.34
N LEU A 279 32.94 -20.59 -33.81
CA LEU A 279 34.02 -20.96 -32.90
C LEU A 279 34.61 -19.76 -32.19
N MET A 280 34.66 -18.60 -32.83
CA MET A 280 35.10 -17.39 -32.14
C MET A 280 34.02 -16.80 -31.25
N GLY A 281 32.77 -17.18 -31.45
CA GLY A 281 31.72 -16.78 -30.55
C GLY A 281 31.50 -17.71 -29.39
N VAL A 282 32.12 -18.89 -29.42
CA VAL A 282 32.05 -19.83 -28.32
C VAL A 282 33.36 -19.93 -27.55
N ALA A 283 34.49 -19.57 -28.16
CA ALA A 283 35.76 -19.56 -27.43
C ALA A 283 35.82 -18.38 -26.48
N PHE A 284 35.46 -17.19 -26.98
CA PHE A 284 35.41 -15.99 -26.16
C PHE A 284 34.15 -15.90 -25.31
N LEU A 285 33.22 -16.83 -25.48
CA LEU A 285 32.18 -17.07 -24.48
C LEU A 285 32.67 -17.98 -23.37
N ALA A 286 33.79 -18.67 -23.56
CA ALA A 286 34.45 -19.40 -22.49
C ALA A 286 35.56 -18.60 -21.83
N VAL A 287 36.03 -17.53 -22.48
CA VAL A 287 36.95 -16.61 -21.81
C VAL A 287 36.18 -15.62 -20.93
N LEU A 288 34.95 -15.28 -21.30
CA LEU A 288 34.19 -14.28 -20.56
C LEU A 288 33.29 -14.86 -19.49
N LEU A 289 32.97 -16.16 -19.53
CA LEU A 289 32.08 -16.75 -18.54
C LEU A 289 32.81 -17.42 -17.38
N THR A 290 33.95 -18.04 -17.63
CA THR A 290 34.73 -18.58 -16.53
C THR A 290 35.47 -17.49 -15.77
N THR A 291 35.79 -16.37 -16.42
CA THR A 291 36.53 -15.31 -15.76
C THR A 291 35.64 -14.48 -14.86
N ARG A 292 34.35 -14.39 -15.18
CA ARG A 292 33.41 -13.77 -14.26
C ARG A 292 32.99 -14.72 -13.14
N HIS A 293 33.42 -15.98 -13.21
CA HIS A 293 33.30 -16.91 -12.10
C HIS A 293 34.53 -16.89 -11.19
N ILE A 294 35.71 -16.66 -11.76
CA ILE A 294 36.92 -16.50 -10.97
C ILE A 294 36.83 -15.26 -10.08
N SER A 295 36.32 -14.16 -10.63
CA SER A 295 36.20 -12.92 -9.87
C SER A 295 34.99 -12.90 -8.96
N ALA A 296 34.00 -13.76 -9.19
CA ALA A 296 32.86 -13.85 -8.28
C ALA A 296 33.22 -14.64 -7.02
N ARG A 297 34.22 -15.50 -7.10
CA ARG A 297 34.65 -16.29 -5.95
C ARG A 297 35.63 -15.51 -5.07
N ASN A 298 36.72 -15.03 -5.66
CA ASN A 298 37.75 -14.33 -4.92
C ASN A 298 37.64 -12.83 -5.19
N PRO A 299 37.32 -12.01 -4.18
CA PRO A 299 37.28 -10.55 -4.42
C PRO A 299 38.64 -9.87 -4.28
N LYS A 300 39.66 -10.49 -4.86
CA LYS A 300 40.97 -9.89 -5.04
C LYS A 300 41.40 -10.02 -6.50
N LEU A 301 40.81 -10.94 -7.24
CA LEU A 301 41.01 -11.12 -8.67
C LEU A 301 39.88 -10.48 -9.45
N PHE A 302 39.47 -9.28 -9.02
CA PHE A 302 38.52 -8.49 -9.82
C PHE A 302 39.13 -8.06 -11.15
N TRP A 303 40.47 -7.96 -11.20
CA TRP A 303 41.13 -7.39 -12.37
C TRP A 303 41.11 -8.32 -13.57
N VAL A 304 40.92 -9.62 -13.37
CA VAL A 304 40.84 -10.51 -14.53
C VAL A 304 39.48 -10.41 -15.22
N SER A 305 38.43 -10.02 -14.51
CA SER A 305 37.13 -9.80 -15.14
C SER A 305 36.96 -8.39 -15.64
N ALA A 306 37.73 -7.44 -15.11
CA ALA A 306 37.74 -6.10 -15.67
C ALA A 306 38.54 -6.04 -16.96
N ALA A 307 39.50 -6.93 -17.14
CA ALA A 307 40.32 -6.93 -18.33
C ALA A 307 39.80 -7.85 -19.42
N ALA A 308 38.93 -8.80 -19.09
CA ALA A 308 38.46 -9.82 -20.01
C ALA A 308 37.58 -9.32 -21.17
N PRO A 309 36.69 -8.32 -21.01
CA PRO A 309 36.04 -7.78 -22.22
C PRO A 309 36.97 -7.00 -23.14
N LEU A 310 37.93 -6.27 -22.58
CA LEU A 310 38.86 -5.52 -23.45
C LEU A 310 39.85 -6.46 -24.13
N THR A 311 40.29 -7.51 -23.43
CA THR A 311 41.22 -8.46 -24.02
C THR A 311 40.52 -9.27 -25.11
N SER A 312 39.24 -9.55 -24.93
CA SER A 312 38.47 -10.24 -25.97
C SER A 312 38.32 -9.38 -27.22
N VAL A 313 38.20 -8.07 -27.05
CA VAL A 313 38.13 -7.18 -28.20
C VAL A 313 39.49 -7.03 -28.87
N ILE A 314 40.56 -6.93 -28.07
CA ILE A 314 41.90 -6.68 -28.59
C ILE A 314 42.46 -7.90 -29.33
N ILE A 315 42.34 -9.09 -28.74
CA ILE A 315 42.94 -10.31 -29.26
C ILE A 315 42.22 -10.74 -30.54
N SER A 316 40.88 -10.72 -30.51
CA SER A 316 40.09 -11.13 -31.67
C SER A 316 40.28 -10.21 -32.87
N THR A 317 40.60 -8.94 -32.61
CA THR A 317 40.92 -8.03 -33.70
C THR A 317 42.24 -8.42 -34.36
N ILE A 318 43.16 -8.96 -33.57
CA ILE A 318 44.39 -9.49 -34.21
C ILE A 318 44.16 -10.73 -35.06
N ILE A 319 43.33 -11.64 -34.59
CA ILE A 319 42.98 -12.90 -35.32
C ILE A 319 42.09 -12.49 -36.49
N SER A 320 41.60 -11.24 -36.54
CA SER A 320 40.85 -10.79 -37.75
C SER A 320 41.55 -9.87 -38.74
N PHE A 321 42.48 -9.03 -38.29
CA PHE A 321 43.28 -8.27 -39.28
C PHE A 321 44.19 -9.30 -39.96
N VAL A 322 44.67 -10.27 -39.19
CA VAL A 322 45.59 -11.31 -39.73
C VAL A 322 44.95 -12.22 -40.77
N SER A 323 43.65 -12.06 -41.01
CA SER A 323 42.94 -12.93 -41.97
C SER A 323 42.32 -12.07 -43.03
N LYS A 324 41.78 -10.88 -42.67
CA LYS A 324 40.80 -10.16 -43.52
C LYS A 324 39.92 -11.39 -43.44
N ALA A 325 39.50 -11.69 -42.22
CA ALA A 325 38.87 -13.00 -41.99
C ALA A 325 37.52 -12.84 -42.64
N HIS A 326 37.28 -13.73 -43.60
CA HIS A 326 35.94 -13.76 -44.18
C HIS A 326 35.26 -14.79 -43.30
N GLY A 327 33.95 -14.91 -43.41
CA GLY A 327 33.29 -15.81 -42.47
C GLY A 327 33.33 -15.22 -41.08
N ILE A 328 33.69 -13.94 -40.97
CA ILE A 328 33.61 -13.25 -39.65
C ILE A 328 33.13 -11.85 -40.00
N SER A 329 31.96 -11.44 -39.49
CA SER A 329 31.49 -10.05 -39.71
C SER A 329 32.43 -9.12 -38.94
N VAL A 330 32.39 -7.80 -39.15
CA VAL A 330 33.40 -6.95 -38.48
C VAL A 330 32.73 -5.60 -38.27
N ILE A 331 32.99 -4.88 -37.17
CA ILE A 331 32.24 -3.63 -36.87
C ILE A 331 32.35 -2.75 -38.11
N GLY A 332 33.55 -2.57 -38.64
CA GLY A 332 33.75 -1.73 -39.84
C GLY A 332 34.14 -0.33 -39.48
N ASP A 333 33.93 0.59 -40.41
CA ASP A 333 34.30 2.00 -40.18
C ASP A 333 33.31 2.61 -39.21
N LEU A 334 33.82 3.24 -38.13
CA LEU A 334 32.92 3.95 -37.19
C LEU A 334 33.27 5.43 -37.33
N PRO A 335 32.30 6.35 -37.22
CA PRO A 335 32.53 7.78 -37.45
C PRO A 335 33.45 8.39 -36.42
N LYS A 336 34.63 8.82 -36.87
CA LYS A 336 35.63 9.40 -35.98
C LYS A 336 35.24 10.82 -35.62
N GLY A 337 35.26 11.12 -34.33
CA GLY A 337 34.88 12.44 -33.85
C GLY A 337 34.08 12.38 -32.56
N LEU A 338 33.77 13.54 -32.00
CA LEU A 338 33.00 13.63 -30.76
C LEU A 338 31.51 13.43 -31.03
N ASN A 339 30.71 13.73 -30.02
CA ASN A 339 29.28 13.52 -30.10
C ASN A 339 28.63 14.49 -31.08
N PRO A 340 27.89 14.00 -32.07
CA PRO A 340 27.12 14.88 -32.94
C PRO A 340 25.95 15.46 -32.19
N PRO A 341 25.59 16.72 -32.46
CA PRO A 341 24.43 17.32 -31.78
C PRO A 341 23.11 16.73 -32.22
N SER A 342 22.46 16.04 -31.29
CA SER A 342 21.08 15.61 -31.44
C SER A 342 20.17 16.72 -30.90
N ALA A 343 18.91 16.40 -30.62
CA ALA A 343 17.72 17.21 -30.27
C ALA A 343 17.06 17.78 -31.51
N ASN A 344 17.67 17.63 -32.68
CA ASN A 344 16.91 17.65 -33.92
C ASN A 344 16.32 16.28 -34.23
N MET A 345 16.74 15.26 -33.48
CA MET A 345 16.20 13.91 -33.56
C MET A 345 15.30 13.58 -32.37
N LEU A 346 14.83 14.59 -31.67
CA LEU A 346 13.91 14.43 -30.55
C LEU A 346 12.50 14.72 -31.05
N THR A 347 11.69 13.67 -31.19
CA THR A 347 10.38 13.77 -31.81
C THR A 347 9.32 13.87 -30.73
N PHE A 348 8.87 15.09 -30.44
CA PHE A 348 7.77 15.33 -29.52
C PHE A 348 6.42 15.36 -30.21
N SER A 349 6.35 14.97 -31.48
CA SER A 349 5.12 15.03 -32.24
C SER A 349 5.16 13.97 -33.33
N GLY A 350 4.14 13.13 -33.37
CA GLY A 350 4.05 12.08 -34.36
C GLY A 350 3.28 10.89 -33.80
N SER A 351 3.36 9.78 -34.53
CA SER A 351 2.71 8.56 -34.08
C SER A 351 3.47 7.91 -32.94
N TYR A 352 4.80 7.96 -33.00
CA TYR A 352 5.65 7.35 -31.97
C TYR A 352 6.11 8.42 -30.98
N VAL A 353 5.19 8.80 -30.10
CA VAL A 353 5.50 9.72 -29.02
C VAL A 353 4.92 9.10 -27.76
N GLY A 354 4.11 8.07 -27.93
CA GLY A 354 3.58 7.31 -26.82
C GLY A 354 4.39 6.06 -26.61
N LEU A 355 5.14 5.67 -27.63
CA LEU A 355 6.14 4.62 -27.51
C LEU A 355 7.44 5.14 -26.91
N ALA A 356 7.91 6.29 -27.36
CA ALA A 356 9.08 6.94 -26.77
C ALA A 356 8.82 7.44 -25.37
N LEU A 357 7.56 7.63 -24.98
CA LEU A 357 7.23 7.93 -23.60
C LEU A 357 7.09 6.68 -22.76
N ASN A 358 6.58 5.58 -23.31
CA ASN A 358 6.49 4.34 -22.57
C ASN A 358 7.87 3.74 -22.28
N THR A 359 8.83 3.95 -23.17
CA THR A 359 10.19 3.50 -22.92
C THR A 359 10.92 4.41 -21.93
N GLY A 360 10.48 5.66 -21.80
CA GLY A 360 11.11 6.56 -20.86
C GLY A 360 10.71 6.34 -19.42
N ILE A 361 9.47 5.91 -19.18
CA ILE A 361 9.01 5.64 -17.81
C ILE A 361 9.34 4.20 -17.48
N MET A 362 9.87 3.45 -18.44
CA MET A 362 10.30 2.08 -18.20
C MET A 362 11.80 1.95 -18.06
N THR A 363 12.57 2.55 -18.96
CA THR A 363 14.01 2.60 -18.79
C THR A 363 14.47 3.76 -17.91
N GLY A 364 13.53 4.53 -17.36
CA GLY A 364 13.86 5.56 -16.42
C GLY A 364 13.63 5.10 -15.00
N ILE A 365 12.89 4.01 -14.84
CA ILE A 365 12.75 3.35 -13.54
C ILE A 365 13.88 2.36 -13.33
N LEU A 366 14.13 1.49 -14.31
CA LEU A 366 15.15 0.47 -14.18
C LEU A 366 16.56 1.04 -14.16
N SER A 367 16.77 2.19 -14.76
CA SER A 367 18.03 2.89 -14.60
C SER A 367 18.11 3.62 -13.27
N LEU A 368 16.98 3.88 -12.64
CA LEU A 368 16.99 4.55 -11.35
C LEU A 368 17.06 3.57 -10.18
N THR A 369 16.61 2.34 -10.36
CA THR A 369 16.80 1.33 -9.31
C THR A 369 18.18 0.70 -9.34
N GLU A 370 19.05 1.12 -10.25
CA GLU A 370 20.44 0.69 -10.29
C GLU A 370 21.40 1.80 -9.85
N GLY A 371 21.08 3.05 -10.16
CA GLY A 371 21.94 4.15 -9.79
C GLY A 371 21.67 4.69 -8.41
N ILE A 372 20.47 4.47 -7.87
CA ILE A 372 20.13 4.91 -6.52
C ILE A 372 20.12 3.66 -5.66
N ALA A 373 20.85 2.64 -6.10
CA ALA A 373 21.08 1.46 -5.30
C ALA A 373 22.56 1.09 -5.29
N VAL A 374 23.36 1.69 -6.16
CA VAL A 374 24.81 1.53 -6.11
C VAL A 374 25.49 2.77 -5.55
N GLY A 375 24.77 3.88 -5.43
CA GLY A 375 25.26 5.02 -4.68
C GLY A 375 24.89 4.86 -3.23
N ARG A 376 23.90 4.02 -2.94
CA ARG A 376 23.56 3.66 -1.56
C ARG A 376 24.50 2.60 -1.01
N THR A 377 24.93 1.67 -1.86
CA THR A 377 25.81 0.58 -1.44
C THR A 377 27.17 1.11 -1.02
N PHE A 378 27.74 1.99 -1.83
CA PHE A 378 29.09 2.49 -1.56
C PHE A 378 29.11 3.69 -0.63
N ALA A 379 27.96 4.24 -0.27
CA ALA A 379 27.93 5.28 0.75
C ALA A 379 27.97 4.70 2.15
N SER A 380 27.58 3.44 2.33
CA SER A 380 27.64 2.80 3.63
C SER A 380 28.97 2.10 3.86
N ILE A 381 29.64 1.68 2.78
CA ILE A 381 30.97 1.08 2.91
C ILE A 381 32.00 2.15 3.25
N ASN A 382 31.89 3.32 2.62
CA ASN A 382 32.87 4.38 2.78
C ASN A 382 32.40 5.50 3.68
N ASN A 383 31.19 5.40 4.23
CA ASN A 383 30.66 6.27 5.29
C ASN A 383 30.60 7.74 4.87
N TYR A 384 29.75 8.03 3.88
CA TYR A 384 29.44 9.40 3.52
C TYR A 384 27.96 9.47 3.16
N GLN A 385 27.46 10.70 2.99
CA GLN A 385 26.03 10.95 2.88
C GLN A 385 25.67 11.29 1.44
N VAL A 386 24.79 10.49 0.85
CA VAL A 386 24.25 10.72 -0.49
C VAL A 386 22.76 11.05 -0.32
N ASP A 387 22.32 12.12 -0.99
CA ASP A 387 20.98 12.66 -0.78
C ASP A 387 19.88 11.75 -1.32
N GLY A 388 20.06 11.16 -2.49
CA GLY A 388 19.00 10.33 -3.04
C GLY A 388 18.10 11.07 -3.99
N ASN A 389 17.50 12.18 -3.55
CA ASN A 389 16.70 13.00 -4.45
C ASN A 389 17.56 13.92 -5.29
N LYS A 390 18.63 14.47 -4.70
CA LYS A 390 19.62 15.21 -5.47
C LYS A 390 20.42 14.28 -6.38
N GLU A 391 20.54 13.01 -6.01
CA GLU A 391 21.15 12.00 -6.87
C GLU A 391 20.22 11.62 -8.03
N MET A 392 18.91 11.69 -7.82
CA MET A 392 17.96 11.46 -8.91
C MET A 392 17.80 12.67 -9.81
N MET A 393 18.14 13.87 -9.32
CA MET A 393 18.21 15.00 -10.22
C MET A 393 19.50 15.01 -11.00
N ALA A 394 20.55 14.41 -10.46
CA ALA A 394 21.82 14.30 -11.20
C ALA A 394 21.67 13.32 -12.35
N ILE A 395 21.26 12.09 -12.06
CA ILE A 395 20.91 11.11 -13.07
C ILE A 395 19.53 11.45 -13.61
N GLY A 396 19.46 12.17 -14.71
CA GLY A 396 18.19 12.64 -15.20
C GLY A 396 18.30 14.03 -15.79
N VAL A 397 19.20 14.85 -15.25
CA VAL A 397 19.76 15.93 -16.05
C VAL A 397 20.87 15.35 -16.90
N MET A 398 21.51 14.29 -16.41
CA MET A 398 22.50 13.53 -17.16
C MET A 398 21.89 12.89 -18.40
N ASN A 399 20.66 12.39 -18.29
CA ASN A 399 20.03 11.69 -19.41
C ASN A 399 19.47 12.67 -20.43
N MET A 400 18.74 13.68 -19.98
CA MET A 400 18.06 14.58 -20.90
C MET A 400 18.98 15.64 -21.49
N ALA A 401 20.17 15.85 -20.93
CA ALA A 401 21.19 16.62 -21.62
C ALA A 401 22.17 15.74 -22.38
N GLY A 402 22.21 14.44 -22.07
CA GLY A 402 22.91 13.51 -22.93
C GLY A 402 22.09 13.10 -24.13
N SER A 403 20.76 13.14 -24.00
CA SER A 403 19.85 12.87 -25.11
C SER A 403 20.02 13.87 -26.25
N CYS A 404 20.43 15.09 -25.93
CA CYS A 404 20.74 16.09 -26.94
C CYS A 404 22.16 15.98 -27.47
N ALA A 405 22.95 15.02 -26.98
CA ALA A 405 24.32 14.82 -27.42
C ALA A 405 24.55 13.39 -27.87
N SER A 406 23.53 12.79 -28.48
CA SER A 406 23.58 11.48 -29.14
C SER A 406 23.93 10.35 -28.16
N CYS A 407 23.37 10.40 -26.95
CA CYS A 407 23.52 9.34 -25.98
C CYS A 407 22.17 8.70 -25.70
N TYR A 408 22.21 7.47 -25.20
CA TYR A 408 21.02 6.80 -24.72
C TYR A 408 21.16 6.60 -23.21
N VAL A 409 20.20 5.85 -22.63
CA VAL A 409 19.96 5.88 -21.18
C VAL A 409 21.16 5.33 -20.42
N THR A 410 21.76 6.19 -19.59
CA THR A 410 22.88 5.85 -18.74
C THR A 410 22.52 6.11 -17.29
N THR A 411 23.21 5.42 -16.39
CA THR A 411 23.09 5.60 -14.95
C THR A 411 24.33 5.01 -14.31
N GLY A 412 24.29 4.86 -12.99
CA GLY A 412 25.35 4.18 -12.27
C GLY A 412 25.25 2.69 -12.36
N SER A 413 26.18 2.07 -13.10
CA SER A 413 26.13 0.64 -13.33
C SER A 413 26.62 -0.14 -12.13
N PHE A 414 26.00 -1.29 -11.89
CA PHE A 414 26.40 -2.17 -10.79
C PHE A 414 27.81 -2.73 -11.01
N SER A 415 28.14 -3.06 -12.25
CA SER A 415 29.37 -3.79 -12.51
C SER A 415 30.58 -2.87 -12.51
N ARG A 416 30.49 -1.70 -13.15
CA ARG A 416 31.64 -0.82 -13.21
C ARG A 416 31.90 -0.11 -11.89
N SER A 417 30.86 0.11 -11.09
CA SER A 417 31.08 0.76 -9.80
C SER A 417 31.81 -0.15 -8.82
N ALA A 418 31.64 -1.46 -8.96
CA ALA A 418 32.40 -2.41 -8.17
C ALA A 418 33.86 -2.50 -8.62
N VAL A 419 34.12 -2.30 -9.91
CA VAL A 419 35.49 -2.18 -10.39
C VAL A 419 36.08 -0.84 -9.97
N ASN A 420 35.24 0.18 -9.82
CA ASN A 420 35.70 1.47 -9.34
C ASN A 420 36.14 1.38 -7.88
N TYR A 421 35.33 0.75 -7.04
CA TYR A 421 35.72 0.46 -5.66
C TYR A 421 36.30 -0.96 -5.58
N SER A 422 37.24 -1.21 -6.45
CA SER A 422 38.23 -2.24 -6.19
C SER A 422 39.60 -1.82 -6.68
N ALA A 423 39.71 -0.70 -7.38
CA ALA A 423 40.97 -0.15 -7.83
C ALA A 423 41.36 1.11 -7.08
N GLY A 424 40.53 1.54 -6.14
CA GLY A 424 40.90 2.62 -5.25
C GLY A 424 40.45 4.00 -5.69
N CYS A 425 39.19 4.13 -6.12
CA CYS A 425 38.66 5.45 -6.41
C CYS A 425 38.40 6.20 -5.11
N LYS A 426 38.60 7.50 -5.16
CA LYS A 426 38.42 8.34 -3.98
C LYS A 426 37.39 9.43 -4.19
N THR A 427 37.29 9.98 -5.39
CA THR A 427 36.35 11.05 -5.71
C THR A 427 35.64 10.69 -7.01
N ALA A 428 34.80 11.60 -7.49
CA ALA A 428 34.20 11.44 -8.81
C ALA A 428 35.01 12.15 -9.88
N VAL A 429 36.33 11.95 -9.83
CA VAL A 429 37.23 12.28 -10.94
C VAL A 429 37.60 11.01 -11.69
N SER A 430 37.26 9.84 -11.15
CA SER A 430 37.31 8.60 -11.91
C SER A 430 36.31 8.58 -13.06
N ASN A 431 35.28 9.42 -13.02
CA ASN A 431 34.38 9.63 -14.15
C ASN A 431 34.87 10.69 -15.11
N ILE A 432 35.97 11.36 -14.80
CA ILE A 432 36.63 12.28 -15.73
C ILE A 432 37.76 11.59 -16.47
N VAL A 433 38.55 10.78 -15.76
CA VAL A 433 39.59 9.97 -16.39
C VAL A 433 38.96 8.89 -17.26
N MET A 434 37.74 8.46 -16.92
CA MET A 434 36.96 7.58 -17.77
C MET A 434 36.60 8.27 -19.08
N ALA A 435 36.06 9.49 -18.98
CA ALA A 435 35.67 10.27 -20.15
C ALA A 435 36.85 11.01 -20.78
N SER A 436 38.08 10.75 -20.32
CA SER A 436 39.27 11.25 -20.99
C SER A 436 39.98 10.17 -21.78
N ALA A 437 39.70 8.90 -21.52
CA ALA A 437 40.12 7.81 -22.37
C ALA A 437 39.01 7.35 -23.30
N VAL A 438 37.80 7.88 -23.13
CA VAL A 438 36.76 7.76 -24.14
C VAL A 438 36.86 8.90 -25.14
N LEU A 439 37.31 10.09 -24.69
CA LEU A 439 37.61 11.19 -25.60
C LEU A 439 38.75 10.85 -26.54
N VAL A 440 39.73 10.09 -26.06
CA VAL A 440 40.85 9.70 -26.92
C VAL A 440 40.39 8.69 -27.97
N THR A 441 39.62 7.68 -27.54
CA THR A 441 39.20 6.66 -28.49
C THR A 441 38.07 7.10 -29.40
N LEU A 442 37.41 8.23 -29.11
CA LEU A 442 36.44 8.81 -30.03
C LEU A 442 37.09 9.75 -31.04
N LEU A 443 38.36 10.09 -30.85
CA LEU A 443 39.04 11.03 -31.73
C LEU A 443 40.21 10.41 -32.49
N PHE A 444 40.85 9.38 -31.95
CA PHE A 444 42.06 8.86 -32.56
C PHE A 444 42.01 7.34 -32.77
N LEU A 445 41.32 6.62 -31.90
CA LEU A 445 41.37 5.16 -31.89
C LEU A 445 40.15 4.53 -32.56
N MET A 446 39.40 5.31 -33.33
CA MET A 446 38.25 4.81 -34.07
C MET A 446 38.55 3.92 -35.29
N PRO A 447 39.62 4.13 -36.08
CA PRO A 447 39.93 3.13 -37.12
C PRO A 447 40.42 1.79 -36.61
N LEU A 448 40.68 1.63 -35.31
CA LEU A 448 41.14 0.36 -34.79
C LEU A 448 40.00 -0.61 -34.47
N PHE A 449 38.75 -0.21 -34.69
CA PHE A 449 37.60 -1.09 -34.54
C PHE A 449 37.08 -1.59 -35.88
N HIS A 450 37.92 -1.53 -36.93
CA HIS A 450 37.46 -1.89 -38.27
C HIS A 450 37.48 -3.40 -38.48
N TYR A 451 38.17 -4.15 -37.62
CA TYR A 451 38.21 -5.59 -37.76
C TYR A 451 37.75 -6.32 -36.50
N THR A 452 37.13 -5.62 -35.57
CA THR A 452 36.55 -6.28 -34.41
C THR A 452 35.26 -6.98 -34.82
N PRO A 453 35.12 -8.28 -34.58
CA PRO A 453 33.93 -9.00 -35.01
C PRO A 453 32.71 -8.65 -34.18
N ASN A 454 31.54 -8.74 -34.81
CA ASN A 454 30.28 -8.52 -34.10
C ASN A 454 29.94 -9.68 -33.18
N VAL A 455 30.53 -10.86 -33.39
CA VAL A 455 30.23 -12.00 -32.55
C VAL A 455 30.99 -11.91 -31.23
N ILE A 456 32.04 -11.11 -31.16
CA ILE A 456 32.81 -10.97 -29.92
C ILE A 456 32.03 -10.13 -28.91
N LEU A 457 31.52 -9.00 -29.36
CA LEU A 457 30.64 -8.17 -28.56
C LEU A 457 29.19 -8.58 -28.67
N SER A 458 28.92 -9.73 -29.27
CA SER A 458 27.70 -10.49 -28.96
C SER A 458 27.91 -11.43 -27.80
N ALA A 459 29.15 -11.88 -27.56
CA ALA A 459 29.44 -12.69 -26.39
C ALA A 459 29.50 -11.85 -25.12
N ILE A 460 29.85 -10.57 -25.23
CA ILE A 460 29.76 -9.66 -24.08
C ILE A 460 28.30 -9.39 -23.75
N ILE A 461 27.40 -9.48 -24.74
CA ILE A 461 25.97 -9.38 -24.46
C ILE A 461 25.48 -10.61 -23.71
N ILE A 462 25.90 -11.80 -24.16
CA ILE A 462 25.38 -13.07 -23.63
C ILE A 462 25.77 -13.26 -22.17
N THR A 463 27.01 -12.92 -21.80
CA THR A 463 27.41 -12.97 -20.39
C THR A 463 26.68 -11.93 -19.55
N ALA A 464 26.18 -10.86 -20.17
CA ALA A 464 25.39 -9.87 -19.46
C ALA A 464 23.89 -10.17 -19.49
N VAL A 465 23.43 -11.06 -20.37
CA VAL A 465 22.04 -11.50 -20.38
C VAL A 465 21.84 -12.72 -19.48
N ILE A 466 22.72 -13.73 -19.58
CA ILE A 466 22.63 -14.87 -18.67
C ILE A 466 23.19 -14.57 -17.30
N GLY A 467 23.79 -13.40 -17.11
CA GLY A 467 24.07 -12.88 -15.79
C GLY A 467 22.90 -12.16 -15.17
N LEU A 468 21.83 -11.94 -15.95
CA LEU A 468 20.58 -11.43 -15.42
C LEU A 468 19.62 -12.54 -15.04
N ILE A 469 19.70 -13.71 -15.70
CA ILE A 469 18.80 -14.80 -15.41
C ILE A 469 19.29 -15.52 -14.16
N ASP A 470 18.82 -15.05 -13.01
CA ASP A 470 19.24 -15.54 -11.70
C ASP A 470 18.17 -16.49 -11.18
N VAL A 471 18.34 -17.78 -11.51
CA VAL A 471 17.34 -18.77 -11.11
C VAL A 471 17.61 -19.29 -9.71
N ARG A 472 18.85 -19.19 -9.22
CA ARG A 472 19.17 -19.70 -7.89
C ARG A 472 18.50 -18.86 -6.80
N GLY A 473 18.59 -17.54 -6.89
CA GLY A 473 17.94 -16.66 -5.94
C GLY A 473 16.44 -16.57 -6.12
N ALA A 474 15.92 -17.05 -7.24
CA ALA A 474 14.48 -17.19 -7.42
C ALA A 474 13.95 -18.45 -6.75
N ALA A 475 14.74 -19.52 -6.76
CA ALA A 475 14.41 -20.71 -5.98
C ALA A 475 14.70 -20.50 -4.50
N ARG A 476 15.71 -19.69 -4.18
CA ARG A 476 15.98 -19.30 -2.80
C ARG A 476 14.86 -18.43 -2.24
N LEU A 477 14.14 -17.71 -3.09
CA LEU A 477 12.97 -16.93 -2.70
C LEU A 477 11.76 -17.80 -2.38
N TRP A 478 11.83 -19.11 -2.57
CA TRP A 478 10.74 -20.01 -2.21
C TRP A 478 10.92 -20.62 -0.82
N LYS A 479 12.16 -20.79 -0.36
CA LYS A 479 12.41 -21.38 0.95
C LYS A 479 12.17 -20.39 2.08
N VAL A 480 12.29 -19.10 1.82
CA VAL A 480 12.26 -18.08 2.85
C VAL A 480 10.89 -17.41 2.93
N ASP A 481 10.48 -16.74 1.85
CA ASP A 481 9.19 -16.07 1.78
C ASP A 481 8.33 -16.76 0.72
N LYS A 482 7.05 -16.38 0.64
CA LYS A 482 6.18 -16.90 -0.41
C LYS A 482 5.35 -15.84 -1.10
N LEU A 483 5.26 -14.63 -0.55
CA LEU A 483 4.69 -13.50 -1.26
C LEU A 483 5.74 -12.70 -2.00
N ASP A 484 7.01 -13.02 -1.81
CA ASP A 484 8.09 -12.52 -2.65
C ASP A 484 8.44 -13.50 -3.75
N PHE A 485 8.03 -14.75 -3.64
CA PHE A 485 8.07 -15.67 -4.76
C PHE A 485 6.89 -15.47 -5.70
N LEU A 486 5.77 -15.01 -5.16
CA LEU A 486 4.63 -14.67 -6.02
C LEU A 486 4.92 -13.42 -6.84
N ALA A 487 5.66 -12.47 -6.27
CA ALA A 487 6.05 -11.28 -7.02
C ALA A 487 7.17 -11.56 -8.01
N CYS A 488 7.99 -12.58 -7.76
CA CYS A 488 9.02 -12.98 -8.70
C CYS A 488 8.43 -13.76 -9.89
N MET A 489 7.32 -14.45 -9.69
CA MET A 489 6.69 -15.20 -10.76
C MET A 489 5.53 -14.46 -11.41
N ALA A 490 5.10 -13.33 -10.84
CA ALA A 490 4.18 -12.45 -11.55
C ALA A 490 4.91 -11.48 -12.46
N ALA A 491 6.20 -11.26 -12.24
CA ALA A 491 7.03 -10.52 -13.17
C ALA A 491 7.64 -11.43 -14.22
N PHE A 492 7.94 -12.67 -13.88
CA PHE A 492 8.47 -13.60 -14.87
C PHE A 492 7.38 -14.03 -15.86
N LEU A 493 6.14 -14.16 -15.41
CA LEU A 493 5.04 -14.57 -16.26
C LEU A 493 4.14 -13.41 -16.63
N GLY A 494 4.54 -12.18 -16.30
CA GLY A 494 3.78 -11.02 -16.70
C GLY A 494 4.52 -10.24 -17.76
N VAL A 495 5.81 -10.55 -17.90
CA VAL A 495 6.61 -10.04 -19.00
C VAL A 495 6.70 -11.03 -20.15
N LEU A 496 6.77 -12.33 -19.85
CA LEU A 496 6.92 -13.35 -20.88
C LEU A 496 5.66 -13.53 -21.71
N LEU A 497 4.48 -13.25 -21.14
CA LEU A 497 3.22 -13.41 -21.84
C LEU A 497 2.57 -12.08 -22.17
N VAL A 498 2.29 -11.28 -21.16
CA VAL A 498 1.61 -10.00 -21.33
C VAL A 498 2.78 -9.00 -21.47
N SER A 499 2.51 -7.76 -21.88
CA SER A 499 3.55 -6.76 -22.16
C SER A 499 4.43 -6.46 -20.95
N VAL A 500 5.54 -5.77 -21.22
CA VAL A 500 6.57 -5.54 -20.20
C VAL A 500 6.13 -4.51 -19.17
N GLN A 501 5.13 -3.68 -19.48
CA GLN A 501 4.58 -2.75 -18.50
C GLN A 501 3.81 -3.46 -17.40
N MET A 502 3.04 -4.49 -17.76
CA MET A 502 2.20 -5.21 -16.83
C MET A 502 2.92 -6.41 -16.21
N GLY A 503 4.25 -6.38 -16.21
CA GLY A 503 5.02 -7.36 -15.48
C GLY A 503 5.74 -6.64 -14.36
N LEU A 504 5.90 -5.33 -14.54
CA LEU A 504 6.37 -4.43 -13.51
C LEU A 504 5.22 -3.64 -12.88
N ALA A 505 4.00 -4.11 -13.03
CA ALA A 505 2.86 -3.45 -12.42
C ALA A 505 2.08 -4.45 -11.58
N ILE A 506 2.00 -5.70 -12.05
CA ILE A 506 1.36 -6.76 -11.29
C ILE A 506 2.34 -7.45 -10.35
N ALA A 507 3.60 -7.05 -10.36
CA ALA A 507 4.58 -7.54 -9.39
C ALA A 507 4.98 -6.49 -8.38
N VAL A 508 5.03 -5.21 -8.76
CA VAL A 508 5.14 -4.12 -7.80
C VAL A 508 3.84 -3.94 -7.03
N GLY A 509 2.70 -4.22 -7.65
CA GLY A 509 1.42 -4.07 -6.99
C GLY A 509 1.11 -5.14 -5.97
N ILE A 510 1.69 -6.33 -6.14
CA ILE A 510 1.51 -7.39 -5.15
C ILE A 510 2.68 -7.49 -4.19
N SER A 511 3.73 -6.72 -4.40
CA SER A 511 4.71 -6.47 -3.35
C SER A 511 4.27 -5.34 -2.43
N LEU A 512 3.54 -4.37 -2.97
CA LEU A 512 2.88 -3.37 -2.13
C LEU A 512 1.68 -3.94 -1.41
N PHE A 513 1.14 -5.07 -1.89
CA PHE A 513 -0.02 -5.67 -1.25
C PHE A 513 0.36 -6.44 0.00
N LYS A 514 1.54 -7.08 0.02
CA LYS A 514 1.96 -7.80 1.21
C LYS A 514 2.37 -6.86 2.34
N ILE A 515 2.66 -5.59 2.03
CA ILE A 515 2.81 -4.59 3.07
C ILE A 515 1.44 -4.23 3.64
N LEU A 516 0.46 -4.04 2.76
CA LEU A 516 -0.90 -3.73 3.20
C LEU A 516 -1.59 -4.92 3.83
N LEU A 517 -1.15 -6.14 3.53
CA LEU A 517 -1.70 -7.34 4.17
C LEU A 517 -1.16 -7.55 5.57
N GLN A 518 -0.19 -6.76 6.01
CA GLN A 518 0.27 -6.78 7.39
C GLN A 518 -0.19 -5.58 8.20
N VAL A 519 -0.37 -4.43 7.56
CA VAL A 519 -0.96 -3.29 8.26
C VAL A 519 -2.43 -3.52 8.53
N THR A 520 -3.17 -3.91 7.49
CA THR A 520 -4.45 -4.56 7.70
C THR A 520 -4.20 -5.97 8.21
N ARG A 521 -4.98 -6.39 9.20
CA ARG A 521 -4.85 -7.65 9.93
C ARG A 521 -3.44 -7.88 10.48
N PRO A 522 -2.98 -7.13 11.49
CA PRO A 522 -1.65 -7.41 12.06
C PRO A 522 -1.68 -8.45 13.15
N ASN A 523 -0.54 -8.66 13.79
CA ASN A 523 -0.44 -9.59 14.92
C ASN A 523 -0.75 -8.86 16.21
N MET A 524 -1.62 -9.44 17.01
CA MET A 524 -1.91 -8.95 18.35
C MET A 524 -1.65 -10.07 19.33
N VAL A 525 -0.91 -9.78 20.39
CA VAL A 525 -0.47 -10.79 21.33
C VAL A 525 -0.97 -10.44 22.72
N VAL A 526 -1.07 -11.45 23.56
CA VAL A 526 -1.37 -11.30 24.97
C VAL A 526 -0.07 -11.46 25.74
N LYS A 527 0.29 -10.45 26.52
CA LYS A 527 1.59 -10.41 27.17
C LYS A 527 1.47 -10.74 28.66
N GLY A 528 2.57 -11.24 29.21
CA GLY A 528 2.63 -11.54 30.63
C GLY A 528 4.03 -11.25 31.14
N VAL A 529 4.13 -11.12 32.45
CA VAL A 529 5.39 -10.71 33.07
C VAL A 529 6.34 -11.89 33.15
N VAL A 530 7.57 -11.68 32.72
CA VAL A 530 8.62 -12.70 32.88
C VAL A 530 9.09 -12.68 34.33
N PRO A 531 9.15 -13.84 35.00
CA PRO A 531 9.43 -13.84 36.45
C PRO A 531 10.85 -13.42 36.78
N GLY A 532 10.99 -12.64 37.85
CA GLY A 532 12.25 -12.04 38.19
C GLY A 532 12.59 -10.79 37.40
N THR A 533 11.67 -10.31 36.56
CA THR A 533 11.93 -9.23 35.63
C THR A 533 10.67 -8.38 35.58
N ALA A 534 10.83 -7.07 35.36
CA ALA A 534 9.70 -6.17 35.18
C ALA A 534 9.35 -5.98 33.70
N SER A 535 9.65 -6.96 32.85
CA SER A 535 9.39 -6.87 31.43
C SER A 535 8.21 -7.75 31.05
N TYR A 536 7.34 -7.23 30.21
CA TYR A 536 6.11 -7.92 29.82
C TYR A 536 6.24 -8.31 28.36
N ARG A 537 6.64 -9.55 28.12
CA ARG A 537 6.73 -10.10 26.77
C ARG A 537 5.50 -10.95 26.49
N SER A 538 5.35 -11.34 25.22
CA SER A 538 4.19 -12.08 24.76
C SER A 538 4.16 -13.48 25.36
N MET A 539 3.05 -14.17 25.34
CA MET A 539 2.97 -15.43 26.11
C MET A 539 3.01 -16.58 25.15
N ALA A 540 2.95 -16.31 23.86
CA ALA A 540 3.12 -17.34 22.84
C ALA A 540 4.61 -17.56 22.73
N GLN A 541 5.39 -16.58 22.30
CA GLN A 541 6.85 -16.65 22.36
C GLN A 541 6.99 -16.52 23.85
N TYR A 542 8.11 -16.86 24.43
CA TYR A 542 8.32 -16.82 25.89
C TYR A 542 7.41 -17.54 26.89
N ARG A 543 7.39 -18.87 26.77
CA ARG A 543 6.58 -19.69 27.68
C ARG A 543 6.78 -19.44 29.17
N GLU A 544 7.89 -18.81 29.55
CA GLU A 544 8.12 -18.45 30.95
C GLU A 544 7.18 -17.35 31.44
N ALA A 545 6.60 -16.57 30.53
CA ALA A 545 5.84 -15.38 30.88
C ALA A 545 4.47 -15.78 31.40
N MET A 546 4.23 -15.52 32.69
CA MET A 546 2.92 -15.68 33.29
C MET A 546 2.19 -14.35 33.43
N ARG A 547 0.88 -14.43 33.53
CA ARG A 547 -0.01 -13.29 33.47
C ARG A 547 -0.32 -12.77 34.88
N VAL A 548 -0.49 -11.46 34.97
CA VAL A 548 -0.97 -10.85 36.22
C VAL A 548 -2.46 -11.14 36.37
N PRO A 549 -2.96 -11.48 37.58
CA PRO A 549 -4.36 -11.94 37.75
C PRO A 549 -5.48 -11.05 37.21
N SER A 550 -5.53 -9.79 37.63
CA SER A 550 -6.65 -8.92 37.26
C SER A 550 -6.34 -8.06 36.04
N PHE A 551 -5.33 -8.42 35.25
CA PHE A 551 -4.89 -7.60 34.13
C PHE A 551 -4.91 -8.41 32.85
N LEU A 552 -5.03 -7.70 31.73
CA LEU A 552 -4.90 -8.29 30.40
C LEU A 552 -4.02 -7.34 29.60
N VAL A 553 -2.76 -7.71 29.39
CA VAL A 553 -1.83 -6.89 28.63
C VAL A 553 -1.88 -7.34 27.18
N VAL A 554 -2.35 -6.46 26.30
CA VAL A 554 -2.45 -6.75 24.88
C VAL A 554 -1.45 -5.86 24.15
N GLY A 555 -0.64 -6.46 23.30
CA GLY A 555 0.28 -5.68 22.48
C GLY A 555 -0.04 -5.78 21.02
N VAL A 556 -0.48 -4.69 20.40
CA VAL A 556 -0.73 -4.66 18.97
C VAL A 556 0.57 -4.32 18.24
N GLU A 557 0.96 -5.17 17.31
CA GLU A 557 2.24 -5.05 16.62
C GLU A 557 2.06 -4.49 15.21
N SER A 558 1.57 -3.24 15.14
CA SER A 558 1.54 -2.42 13.93
C SER A 558 1.10 -1.02 14.30
N ALA A 559 1.17 -0.13 13.33
CA ALA A 559 0.53 1.18 13.45
C ALA A 559 -0.98 1.03 13.35
N ILE A 560 -1.70 1.83 14.13
CA ILE A 560 -3.16 1.76 14.18
C ILE A 560 -3.69 2.73 13.15
N TYR A 561 -4.08 2.21 11.99
CA TYR A 561 -4.59 3.01 10.89
C TYR A 561 -6.09 2.81 10.76
N PHE A 562 -6.66 3.43 9.72
CA PHE A 562 -8.06 3.19 9.38
C PHE A 562 -8.28 1.74 8.96
N ALA A 563 -7.26 1.11 8.37
CA ALA A 563 -7.42 -0.22 7.79
C ALA A 563 -7.50 -1.31 8.84
N ASN A 564 -7.05 -1.06 10.07
CA ASN A 564 -7.09 -2.10 11.08
C ASN A 564 -7.80 -1.72 12.37
N SER A 565 -8.22 -0.46 12.54
CA SER A 565 -8.73 0.02 13.82
C SER A 565 -10.00 -0.66 14.28
N MET A 566 -10.78 -1.21 13.35
CA MET A 566 -11.94 -2.01 13.73
C MET A 566 -11.59 -3.48 13.90
N TYR A 567 -10.44 -3.92 13.37
CA TYR A 567 -9.96 -5.27 13.61
C TYR A 567 -9.28 -5.39 14.96
N LEU A 568 -8.66 -4.33 15.45
CA LEU A 568 -8.05 -4.34 16.77
C LEU A 568 -9.06 -4.08 17.87
N GLY A 569 -10.33 -3.95 17.55
CA GLY A 569 -11.34 -3.81 18.58
C GLY A 569 -12.10 -5.10 18.72
N GLU A 570 -12.14 -5.90 17.65
CA GLU A 570 -12.75 -7.20 17.68
C GLU A 570 -11.77 -8.31 18.05
N ARG A 571 -10.48 -8.00 18.11
CA ARG A 571 -9.45 -8.92 18.57
C ARG A 571 -9.11 -8.75 20.04
N ILE A 572 -9.21 -7.52 20.54
CA ILE A 572 -9.06 -7.28 21.98
C ILE A 572 -10.19 -7.95 22.75
N MET A 573 -11.41 -7.83 22.22
CA MET A 573 -12.55 -8.45 22.89
C MET A 573 -12.60 -9.95 22.69
N ARG A 574 -11.92 -10.47 21.67
CA ARG A 574 -11.72 -11.91 21.60
C ARG A 574 -10.69 -12.35 22.64
N PHE A 575 -9.69 -11.50 22.90
CA PHE A 575 -8.75 -11.74 23.99
C PHE A 575 -9.43 -11.57 25.34
N LEU A 576 -10.38 -10.64 25.41
CA LEU A 576 -11.06 -10.38 26.68
C LEU A 576 -12.07 -11.48 27.00
N ARG A 577 -12.70 -12.03 25.97
CA ARG A 577 -13.68 -13.10 26.15
C ARG A 577 -13.02 -14.41 26.56
N GLU A 578 -11.81 -14.67 26.07
CA GLU A 578 -11.10 -15.89 26.41
C GLU A 578 -10.59 -15.89 27.85
N GLU A 579 -9.99 -14.79 28.31
CA GLU A 579 -9.48 -14.72 29.67
C GLU A 579 -10.56 -14.47 30.71
N ASP A 580 -11.72 -13.92 30.33
CA ASP A 580 -12.82 -13.86 31.27
C ASP A 580 -13.50 -15.22 31.44
N GLU A 581 -13.32 -16.13 30.49
CA GLU A 581 -13.84 -17.49 30.58
C GLU A 581 -12.82 -18.47 31.15
N ARG A 582 -11.52 -18.23 30.92
CA ARG A 582 -10.47 -19.03 31.52
C ARG A 582 -10.35 -18.79 33.02
N ALA A 583 -10.60 -17.57 33.48
CA ALA A 583 -10.57 -17.28 34.90
C ALA A 583 -11.77 -17.84 35.64
N ALA A 584 -12.87 -18.12 34.93
CA ALA A 584 -14.00 -18.79 35.54
C ALA A 584 -13.79 -20.30 35.66
N LYS A 585 -12.87 -20.87 34.89
CA LYS A 585 -12.52 -22.27 35.00
C LYS A 585 -11.34 -22.53 35.93
N CYS A 586 -10.79 -21.48 36.56
CA CYS A 586 -9.59 -21.65 37.37
C CYS A 586 -9.66 -20.90 38.70
N ASN A 587 -10.84 -20.40 39.09
CA ASN A 587 -11.10 -19.72 40.37
C ASN A 587 -10.23 -18.48 40.54
N GLN A 588 -10.20 -17.64 39.52
CA GLN A 588 -9.41 -16.42 39.53
C GLN A 588 -10.31 -15.21 39.31
N CYS A 589 -9.74 -14.03 39.58
CA CYS A 589 -10.47 -12.78 39.45
C CYS A 589 -10.59 -12.36 37.99
N PRO A 590 -11.68 -11.70 37.60
CA PRO A 590 -11.85 -11.32 36.20
C PRO A 590 -10.95 -10.15 35.82
N VAL A 591 -10.95 -9.86 34.51
CA VAL A 591 -10.15 -8.77 33.98
C VAL A 591 -10.76 -7.44 34.40
N ARG A 592 -9.96 -6.61 35.08
CA ARG A 592 -10.41 -5.30 35.51
C ARG A 592 -9.51 -4.19 34.99
N CYS A 593 -8.49 -4.52 34.20
CA CYS A 593 -7.66 -3.52 33.53
C CYS A 593 -7.07 -4.15 32.28
N ILE A 594 -7.34 -3.54 31.13
CA ILE A 594 -6.74 -3.93 29.86
C ILE A 594 -5.65 -2.92 29.54
N ILE A 595 -4.41 -3.38 29.48
CA ILE A 595 -3.26 -2.53 29.21
C ILE A 595 -2.86 -2.72 27.76
N LEU A 596 -2.89 -1.65 26.98
CA LEU A 596 -2.40 -1.70 25.61
C LEU A 596 -0.93 -1.33 25.58
N ASP A 597 -0.09 -2.33 25.37
CA ASP A 597 1.32 -2.08 25.12
C ASP A 597 1.45 -1.48 23.73
N MET A 598 1.68 -0.17 23.66
CA MET A 598 1.84 0.53 22.40
C MET A 598 3.30 0.65 22.00
N SER A 599 4.12 -0.32 22.40
CA SER A 599 5.55 -0.30 22.08
C SER A 599 5.79 -0.47 20.60
N ALA A 600 4.92 -1.20 19.91
CA ALA A 600 5.09 -1.49 18.49
C ALA A 600 4.17 -0.66 17.61
N VAL A 601 3.42 0.27 18.18
CA VAL A 601 2.53 1.14 17.41
C VAL A 601 3.37 2.26 16.83
N ALA A 602 3.56 2.23 15.50
CA ALA A 602 4.42 3.21 14.85
C ALA A 602 3.75 4.56 14.73
N ALA A 603 2.52 4.58 14.24
CA ALA A 603 1.76 5.81 14.06
C ALA A 603 0.30 5.50 14.34
N ILE A 604 -0.51 6.56 14.39
CA ILE A 604 -1.94 6.42 14.62
C ILE A 604 -2.63 7.62 13.98
N ASP A 605 -3.72 7.37 13.26
CA ASP A 605 -4.43 8.43 12.56
C ASP A 605 -5.71 8.76 13.31
N THR A 606 -6.54 9.63 12.70
CA THR A 606 -7.76 10.07 13.37
C THR A 606 -8.81 8.97 13.44
N SER A 607 -8.76 7.99 12.55
CA SER A 607 -9.60 6.81 12.68
C SER A 607 -9.04 5.83 13.70
N GLY A 608 -7.79 5.98 14.09
CA GLY A 608 -7.18 5.13 15.09
C GLY A 608 -7.38 5.65 16.50
N LEU A 609 -7.31 6.97 16.68
CA LEU A 609 -7.62 7.54 17.99
C LEU A 609 -9.10 7.40 18.32
N ASP A 610 -9.97 7.54 17.31
CA ASP A 610 -11.40 7.44 17.53
C ASP A 610 -11.82 6.03 17.89
N ALA A 611 -11.11 5.02 17.37
CA ALA A 611 -11.37 3.65 17.77
C ALA A 611 -10.85 3.33 19.15
N LEU A 612 -9.86 4.07 19.63
CA LEU A 612 -9.37 3.92 20.99
C LEU A 612 -10.23 4.63 22.02
N ALA A 613 -11.04 5.59 21.59
CA ALA A 613 -11.99 6.23 22.49
C ALA A 613 -13.37 5.59 22.43
N GLU A 614 -13.72 4.94 21.32
CA GLU A 614 -14.91 4.11 21.23
C GLU A 614 -14.66 2.70 21.72
N LEU A 615 -13.45 2.42 22.23
CA LEU A 615 -13.15 1.22 22.98
C LEU A 615 -12.99 1.50 24.46
N LYS A 616 -12.56 2.70 24.83
CA LYS A 616 -12.41 3.05 26.23
C LYS A 616 -13.76 3.18 26.92
N LYS A 617 -14.77 3.66 26.20
CA LYS A 617 -16.10 3.83 26.78
C LYS A 617 -16.98 2.60 26.64
N VAL A 618 -16.68 1.69 25.72
CA VAL A 618 -17.36 0.41 25.69
C VAL A 618 -16.84 -0.48 26.80
N LEU A 619 -15.53 -0.45 27.05
CA LEU A 619 -14.95 -1.20 28.16
C LEU A 619 -15.28 -0.58 29.52
N GLU A 620 -15.74 0.68 29.55
CA GLU A 620 -16.09 1.30 30.83
C GLU A 620 -17.47 0.87 31.28
N LYS A 621 -18.36 0.56 30.34
CA LYS A 621 -19.69 0.07 30.68
C LYS A 621 -19.65 -1.29 31.34
N ARG A 622 -18.67 -2.11 31.00
CA ARG A 622 -18.44 -3.40 31.63
C ARG A 622 -17.40 -3.33 32.74
N ASN A 623 -16.98 -2.13 33.15
CA ASN A 623 -16.08 -1.86 34.27
C ASN A 623 -14.72 -2.55 34.08
N ILE A 624 -14.00 -2.16 33.02
CA ILE A 624 -12.77 -2.84 32.65
C ILE A 624 -11.59 -1.88 32.46
N GLU A 625 -11.86 -0.58 32.21
CA GLU A 625 -10.85 0.50 32.38
C GLU A 625 -9.61 0.35 31.47
N LEU A 626 -9.80 0.56 30.17
CA LEU A 626 -8.72 0.54 29.20
C LEU A 626 -7.64 1.58 29.52
N VAL A 627 -6.37 1.16 29.40
CA VAL A 627 -5.21 1.96 29.75
C VAL A 627 -4.13 1.75 28.69
N LEU A 628 -3.55 2.83 28.19
CA LEU A 628 -2.42 2.75 27.26
C LEU A 628 -1.11 2.80 28.02
N ALA A 629 -0.12 2.05 27.53
CA ALA A 629 1.19 2.01 28.18
C ALA A 629 2.28 1.97 27.13
N ASN A 630 3.39 2.63 27.46
CA ASN A 630 4.55 2.81 26.59
C ASN A 630 4.23 3.34 25.19
N PRO A 631 3.79 4.59 25.06
CA PRO A 631 3.57 5.14 23.72
C PRO A 631 4.87 5.60 23.10
N VAL A 632 4.79 5.83 21.80
CA VAL A 632 5.93 6.20 21.00
C VAL A 632 5.79 7.68 20.65
N GLY A 633 6.92 8.39 20.57
CA GLY A 633 6.89 9.71 19.97
C GLY A 633 6.54 9.63 18.49
N SER A 634 5.64 10.53 18.07
CA SER A 634 4.72 10.56 16.90
C SER A 634 3.42 9.80 17.18
N VAL A 635 3.24 9.23 18.36
CA VAL A 635 1.92 8.82 18.85
C VAL A 635 1.53 9.63 20.08
N THR A 636 2.48 9.91 20.96
CA THR A 636 2.21 10.73 22.14
C THR A 636 1.91 12.18 21.75
N GLU A 637 2.60 12.72 20.76
CA GLU A 637 2.25 14.06 20.27
C GLU A 637 0.95 14.03 19.47
N ARG A 638 0.56 12.87 18.95
CA ARG A 638 -0.76 12.72 18.35
C ARG A 638 -1.84 12.54 19.39
N LEU A 639 -1.47 12.13 20.61
CA LEU A 639 -2.41 11.86 21.69
C LEU A 639 -2.51 13.01 22.70
N TYR A 640 -1.56 13.94 22.69
CA TYR A 640 -1.64 15.10 23.57
C TYR A 640 -1.94 16.37 22.80
N ASN A 641 -2.31 16.25 21.54
CA ASN A 641 -2.74 17.36 20.69
C ASN A 641 -4.00 16.98 19.94
N SER A 642 -4.95 16.36 20.65
CA SER A 642 -6.21 15.96 20.05
C SER A 642 -7.30 16.00 21.11
N VAL A 643 -8.53 16.26 20.67
CA VAL A 643 -9.67 16.28 21.58
C VAL A 643 -10.04 14.87 21.99
N VAL A 644 -9.65 13.87 21.20
CA VAL A 644 -9.86 12.46 21.52
C VAL A 644 -8.70 11.91 22.34
N GLY A 645 -7.68 12.73 22.59
CA GLY A 645 -6.57 12.31 23.41
C GLY A 645 -6.63 12.88 24.81
N LYS A 646 -7.59 13.75 25.08
CA LYS A 646 -7.86 14.20 26.44
C LYS A 646 -8.91 13.36 27.14
N THR A 647 -9.54 12.41 26.45
CA THR A 647 -10.37 11.42 27.12
C THR A 647 -9.55 10.28 27.70
N PHE A 648 -8.24 10.25 27.43
CA PHE A 648 -7.32 9.35 28.11
C PHE A 648 -6.58 10.09 29.23
N GLY A 649 -5.88 11.17 28.88
CA GLY A 649 -5.30 12.03 29.88
C GLY A 649 -3.96 11.54 30.40
N SER A 650 -3.64 11.98 31.60
CA SER A 650 -2.37 11.65 32.24
C SER A 650 -2.47 10.44 33.16
N ASP A 651 -3.68 10.05 33.54
CA ASP A 651 -3.86 8.87 34.37
C ASP A 651 -3.99 7.58 33.57
N ARG A 652 -4.17 7.67 32.25
CA ARG A 652 -4.33 6.49 31.41
C ARG A 652 -3.26 6.34 30.35
N VAL A 653 -2.13 7.03 30.50
CA VAL A 653 -0.97 6.88 29.63
C VAL A 653 0.24 6.73 30.53
N PHE A 654 0.94 5.61 30.40
CA PHE A 654 1.97 5.24 31.35
C PHE A 654 3.32 5.07 30.67
N PHE A 655 4.36 5.01 31.51
CA PHE A 655 5.72 4.88 31.03
C PHE A 655 5.99 3.50 30.47
N SER A 656 5.68 2.46 31.24
CA SER A 656 5.86 1.08 30.82
C SER A 656 4.64 0.29 31.24
N VAL A 657 4.63 -1.00 30.89
CA VAL A 657 3.55 -1.88 31.31
C VAL A 657 3.67 -2.16 32.81
N ALA A 658 4.89 -2.29 33.31
CA ALA A 658 5.11 -2.53 34.73
C ALA A 658 4.74 -1.34 35.59
N GLU A 659 4.71 -0.14 35.03
CA GLU A 659 4.23 1.03 35.76
C GLU A 659 2.71 1.15 35.67
N ALA A 660 2.10 0.60 34.63
CA ALA A 660 0.65 0.57 34.55
C ALA A 660 0.06 -0.47 35.48
N VAL A 661 0.77 -1.59 35.68
CA VAL A 661 0.34 -2.59 36.66
C VAL A 661 0.52 -2.06 38.08
N ALA A 662 1.62 -1.36 38.34
CA ALA A 662 1.93 -0.90 39.69
C ALA A 662 1.02 0.24 40.13
N ALA A 663 0.51 1.03 39.20
CA ALA A 663 -0.41 2.10 39.55
C ALA A 663 -1.80 1.60 39.86
N ALA A 664 -2.18 0.43 39.33
CA ALA A 664 -3.47 -0.24 39.48
C ALA A 664 -4.65 0.66 39.13
N PRO A 665 -4.89 0.96 37.84
CA PRO A 665 -6.08 1.75 37.50
C PRO A 665 -7.33 0.89 37.55
N HIS A 666 -8.13 1.06 38.59
CA HIS A 666 -9.30 0.22 38.80
C HIS A 666 -10.51 1.05 39.23
N LEU B 49 21.04 -13.62 32.27
CA LEU B 49 20.68 -13.53 30.85
C LEU B 49 19.39 -14.29 30.59
N HIS B 50 18.58 -13.79 29.66
CA HIS B 50 17.32 -14.43 29.31
C HIS B 50 17.31 -14.77 27.83
N LYS B 51 16.90 -16.00 27.53
CA LYS B 51 16.92 -16.53 26.17
C LYS B 51 15.69 -16.06 25.41
N VAL B 52 15.85 -15.85 24.11
CA VAL B 52 14.78 -15.39 23.24
C VAL B 52 14.15 -16.60 22.57
N SER B 53 12.90 -16.88 22.91
CA SER B 53 12.21 -18.04 22.39
C SER B 53 11.57 -17.73 21.04
N VAL B 54 10.94 -18.74 20.46
CA VAL B 54 10.18 -18.60 19.22
C VAL B 54 8.77 -19.09 19.48
N PRO B 55 7.77 -18.53 18.76
CA PRO B 55 6.42 -19.06 18.93
C PRO B 55 6.20 -20.35 18.15
N LEU B 90 -24.82 -33.64 8.12
CA LEU B 90 -25.90 -32.78 7.64
C LEU B 90 -26.29 -31.79 8.73
N VAL B 91 -26.00 -32.15 9.98
CA VAL B 91 -26.29 -31.27 11.11
C VAL B 91 -25.31 -30.10 11.11
N LEU B 92 -24.02 -30.39 10.94
CA LEU B 92 -23.04 -29.32 10.79
C LEU B 92 -23.18 -28.62 9.45
N ALA B 93 -23.65 -29.33 8.42
CA ALA B 93 -23.87 -28.71 7.12
C ALA B 93 -25.00 -27.69 7.15
N LEU B 94 -25.96 -27.85 8.07
CA LEU B 94 -26.99 -26.86 8.31
C LEU B 94 -26.68 -25.99 9.53
N GLN B 95 -25.42 -25.98 9.98
CA GLN B 95 -24.99 -25.07 11.03
C GLN B 95 -23.74 -24.30 10.66
N TYR B 96 -22.95 -24.77 9.70
CA TYR B 96 -21.85 -24.00 9.15
C TYR B 96 -22.31 -23.05 8.05
N PHE B 97 -23.42 -23.37 7.39
CA PHE B 97 -24.02 -22.52 6.38
C PHE B 97 -25.22 -21.73 6.89
N PHE B 98 -25.99 -22.32 7.79
CA PHE B 98 -27.20 -21.71 8.33
C PHE B 98 -27.04 -21.52 9.83
N PRO B 99 -26.65 -20.34 10.31
CA PRO B 99 -26.50 -20.14 11.76
C PRO B 99 -27.80 -20.15 12.54
N ILE B 100 -28.97 -20.12 11.88
CA ILE B 100 -30.24 -20.10 12.58
C ILE B 100 -30.52 -21.41 13.32
N PHE B 101 -29.87 -22.50 12.91
CA PHE B 101 -29.96 -23.75 13.66
C PHE B 101 -29.08 -23.77 14.89
N HIS B 102 -28.18 -22.80 15.05
CA HIS B 102 -27.35 -22.72 16.24
C HIS B 102 -28.00 -21.84 17.32
N TRP B 103 -28.32 -20.59 16.99
CA TRP B 103 -28.93 -19.72 17.97
C TRP B 103 -30.44 -19.91 18.08
N GLY B 104 -31.02 -20.81 17.29
CA GLY B 104 -32.42 -21.15 17.46
C GLY B 104 -32.71 -22.12 18.58
N SER B 105 -31.67 -22.61 19.25
CA SER B 105 -31.87 -23.51 20.38
C SER B 105 -32.14 -22.76 21.68
N ASP B 106 -31.57 -21.56 21.83
CA ASP B 106 -31.73 -20.75 23.03
C ASP B 106 -32.88 -19.77 22.94
N TYR B 107 -33.75 -19.91 21.95
CA TYR B 107 -34.79 -18.92 21.72
C TYR B 107 -35.93 -19.12 22.70
N SER B 108 -36.10 -18.17 23.61
CA SER B 108 -37.15 -18.22 24.60
C SER B 108 -38.37 -17.44 24.12
N LEU B 109 -39.40 -17.38 24.96
CA LEU B 109 -40.52 -16.48 24.74
C LEU B 109 -40.28 -15.10 25.34
N ARG B 110 -39.28 -14.98 26.22
CA ARG B 110 -38.83 -13.68 26.68
C ARG B 110 -38.01 -12.98 25.60
N LEU B 111 -37.35 -13.75 24.73
CA LEU B 111 -36.68 -13.20 23.56
C LEU B 111 -37.62 -12.97 22.39
N LEU B 112 -38.80 -13.59 22.40
CA LEU B 112 -39.82 -13.28 21.40
C LEU B 112 -40.59 -12.02 21.76
N ARG B 113 -40.76 -11.74 23.05
CA ARG B 113 -41.37 -10.49 23.46
C ARG B 113 -40.47 -9.30 23.13
N SER B 114 -39.16 -9.50 23.12
CA SER B 114 -38.23 -8.40 22.86
C SER B 114 -38.01 -8.16 21.38
N ASP B 115 -38.13 -9.19 20.55
CA ASP B 115 -37.93 -9.06 19.12
C ASP B 115 -39.20 -8.64 18.37
N VAL B 116 -40.37 -8.82 18.98
CA VAL B 116 -41.60 -8.33 18.37
C VAL B 116 -41.70 -6.82 18.52
N VAL B 117 -41.38 -6.29 19.70
CA VAL B 117 -41.42 -4.85 19.93
C VAL B 117 -40.35 -4.14 19.10
N SER B 118 -39.16 -4.72 19.00
CA SER B 118 -38.10 -4.14 18.20
C SER B 118 -38.22 -4.45 16.71
N GLY B 119 -39.12 -5.35 16.33
CA GLY B 119 -39.33 -5.66 14.93
C GLY B 119 -40.49 -4.88 14.35
N LEU B 120 -41.47 -4.56 15.18
CA LEU B 120 -42.55 -3.68 14.76
C LEU B 120 -42.17 -2.21 14.87
N THR B 121 -41.21 -1.89 15.74
CA THR B 121 -40.61 -0.56 15.71
C THR B 121 -39.81 -0.36 14.43
N ILE B 122 -39.24 -1.43 13.92
CA ILE B 122 -38.36 -1.35 12.75
C ILE B 122 -39.10 -1.64 11.45
N ALA B 123 -40.28 -2.26 11.49
CA ALA B 123 -41.20 -2.22 10.36
C ALA B 123 -42.21 -1.09 10.53
N SER B 124 -41.66 0.06 10.90
CA SER B 124 -42.32 1.34 10.92
C SER B 124 -41.39 2.42 10.41
N LEU B 125 -40.09 2.13 10.36
CA LEU B 125 -39.10 2.92 9.67
C LEU B 125 -38.71 2.30 8.33
N ALA B 126 -39.19 1.10 8.03
CA ALA B 126 -38.83 0.39 6.81
C ALA B 126 -39.80 0.65 5.68
N ILE B 127 -41.09 0.71 5.99
CA ILE B 127 -42.11 1.00 4.99
C ILE B 127 -41.99 2.43 4.46
N PRO B 128 -41.86 3.52 5.29
CA PRO B 128 -41.69 4.84 4.66
C PRO B 128 -40.33 5.10 4.05
N GLN B 129 -39.25 4.55 4.62
CA GLN B 129 -37.92 4.81 4.09
C GLN B 129 -37.48 3.79 3.05
N GLY B 130 -38.21 2.70 2.86
CA GLY B 130 -37.88 1.80 1.79
C GLY B 130 -38.49 2.32 0.50
N ILE B 131 -39.73 2.80 0.62
CA ILE B 131 -40.42 3.46 -0.49
C ILE B 131 -39.67 4.71 -0.93
N SER B 132 -39.13 5.45 0.05
CA SER B 132 -38.44 6.70 -0.24
C SER B 132 -37.11 6.46 -0.96
N TYR B 133 -36.35 5.46 -0.52
CA TYR B 133 -35.05 5.21 -1.13
C TYR B 133 -35.17 4.50 -2.46
N ALA B 134 -36.32 3.90 -2.76
CA ALA B 134 -36.56 3.41 -4.11
C ALA B 134 -36.81 4.55 -5.08
N LYS B 135 -37.43 5.63 -4.61
CA LYS B 135 -37.59 6.81 -5.45
C LYS B 135 -36.25 7.52 -5.66
N LEU B 136 -35.36 7.45 -4.66
CA LEU B 136 -34.02 8.01 -4.79
C LEU B 136 -33.18 7.24 -5.79
N ALA B 137 -33.46 5.96 -5.98
CA ALA B 137 -32.81 5.14 -6.98
C ALA B 137 -33.57 5.14 -8.30
N ASN B 138 -34.55 6.04 -8.45
CA ASN B 138 -35.38 6.20 -9.65
C ASN B 138 -36.19 4.94 -9.98
N LEU B 139 -36.48 4.14 -8.98
CA LEU B 139 -37.25 2.92 -9.13
C LEU B 139 -38.70 3.19 -8.77
N PRO B 140 -39.61 2.25 -9.09
CA PRO B 140 -40.95 2.34 -8.54
C PRO B 140 -40.91 2.23 -7.03
N PRO B 141 -41.85 2.88 -6.33
CA PRO B 141 -41.81 2.89 -4.87
C PRO B 141 -42.06 1.55 -4.20
N ILE B 142 -42.59 0.55 -4.93
CA ILE B 142 -42.81 -0.76 -4.34
C ILE B 142 -41.56 -1.63 -4.37
N ILE B 143 -40.53 -1.23 -5.13
CA ILE B 143 -39.29 -2.00 -5.16
C ILE B 143 -38.56 -1.90 -3.82
N GLY B 144 -38.74 -0.80 -3.10
CA GLY B 144 -38.20 -0.72 -1.76
C GLY B 144 -38.97 -1.49 -0.72
N LEU B 145 -40.22 -1.86 -1.01
CA LEU B 145 -40.97 -2.72 -0.11
C LEU B 145 -40.78 -4.19 -0.44
N TYR B 146 -40.49 -4.50 -1.70
CA TYR B 146 -40.04 -5.85 -2.04
C TYR B 146 -38.69 -6.13 -1.41
N SER B 147 -37.86 -5.11 -1.26
CA SER B 147 -36.52 -5.20 -0.68
C SER B 147 -36.53 -5.18 0.84
N SER B 148 -37.71 -5.14 1.46
CA SER B 148 -37.82 -5.26 2.91
C SER B 148 -38.56 -6.52 3.32
N PHE B 149 -38.78 -7.46 2.39
CA PHE B 149 -39.44 -8.71 2.73
C PHE B 149 -38.52 -9.92 2.57
N VAL B 150 -37.98 -10.16 1.39
CA VAL B 150 -37.16 -11.36 1.15
C VAL B 150 -35.70 -11.18 1.59
N PRO B 151 -35.01 -10.04 1.36
CA PRO B 151 -33.66 -9.90 1.93
C PRO B 151 -33.62 -9.83 3.46
N PRO B 152 -34.65 -9.34 4.18
CA PRO B 152 -34.66 -9.61 5.63
C PRO B 152 -34.86 -11.08 5.99
N LEU B 153 -35.54 -11.86 5.14
CA LEU B 153 -35.76 -13.26 5.47
C LEU B 153 -34.55 -14.12 5.13
N ILE B 154 -33.79 -13.76 4.09
CA ILE B 154 -32.61 -14.53 3.72
C ILE B 154 -31.50 -14.32 4.75
N TYR B 155 -31.35 -13.10 5.24
CA TYR B 155 -30.31 -12.80 6.23
C TYR B 155 -30.60 -13.45 7.57
N SER B 156 -31.88 -13.65 7.91
CA SER B 156 -32.21 -14.31 9.17
C SER B 156 -31.81 -15.77 9.17
N LEU B 157 -31.61 -16.37 7.99
CA LEU B 157 -31.11 -17.73 7.86
C LEU B 157 -29.58 -17.79 7.84
N LEU B 158 -28.92 -16.82 7.22
CA LEU B 158 -27.48 -16.87 6.99
C LEU B 158 -26.69 -15.86 7.79
N GLY B 159 -27.32 -15.05 8.62
CA GLY B 159 -26.61 -13.97 9.27
C GLY B 159 -26.02 -14.35 10.61
N SER B 160 -25.02 -13.58 11.00
CA SER B 160 -24.28 -13.82 12.24
C SER B 160 -24.44 -12.72 13.26
N SER B 161 -25.21 -11.68 12.95
CA SER B 161 -25.35 -10.53 13.82
C SER B 161 -26.77 -10.48 14.40
N ARG B 162 -26.85 -10.16 15.69
CA ARG B 162 -28.14 -10.12 16.35
C ARG B 162 -28.84 -8.78 16.21
N ASP B 163 -28.10 -7.71 15.90
CA ASP B 163 -28.66 -6.37 15.91
C ASP B 163 -28.69 -5.72 14.53
N LEU B 164 -28.21 -6.40 13.50
CA LEU B 164 -28.17 -5.82 12.17
C LEU B 164 -29.55 -5.88 11.52
N ALA B 165 -29.93 -4.79 10.86
CA ALA B 165 -31.23 -4.63 10.24
C ALA B 165 -31.07 -4.50 8.73
N VAL B 166 -31.74 -5.36 7.99
CA VAL B 166 -31.55 -5.46 6.54
C VAL B 166 -32.64 -4.67 5.84
N GLY B 167 -32.23 -3.74 4.98
CA GLY B 167 -33.15 -3.05 4.12
C GLY B 167 -32.41 -2.24 3.07
N PRO B 168 -33.14 -1.50 2.25
CA PRO B 168 -32.50 -0.57 1.33
C PRO B 168 -31.82 0.57 2.08
N VAL B 169 -30.75 1.08 1.48
CA VAL B 169 -29.79 1.93 2.15
C VAL B 169 -29.62 3.21 1.36
N SER B 170 -29.51 4.35 2.07
CA SER B 170 -29.54 5.66 1.45
C SER B 170 -28.34 5.92 0.54
N ILE B 171 -27.16 5.38 0.85
CA ILE B 171 -26.02 5.63 -0.02
C ILE B 171 -26.00 4.65 -1.20
N ALA B 172 -26.44 3.41 -0.99
CA ALA B 172 -26.48 2.45 -2.09
C ALA B 172 -27.57 2.79 -3.09
N SER B 173 -28.65 3.43 -2.64
CA SER B 173 -29.72 3.84 -3.54
C SER B 173 -29.37 5.12 -4.27
N LEU B 174 -28.60 6.01 -3.63
CA LEU B 174 -28.22 7.26 -4.26
C LEU B 174 -27.17 7.06 -5.35
N VAL B 175 -26.32 6.05 -5.21
CA VAL B 175 -25.28 5.80 -6.20
C VAL B 175 -25.81 4.93 -7.32
N MET B 176 -26.71 3.99 -7.01
CA MET B 176 -27.36 3.21 -8.06
C MET B 176 -28.26 4.09 -8.93
N GLY B 177 -29.03 4.97 -8.30
CA GLY B 177 -29.86 5.87 -9.05
C GLY B 177 -29.14 7.00 -9.74
N SER B 178 -27.84 7.18 -9.50
CA SER B 178 -27.05 8.16 -10.23
C SER B 178 -26.21 7.54 -11.34
N MET B 179 -25.81 6.29 -11.21
CA MET B 179 -25.03 5.61 -12.22
C MET B 179 -25.88 5.11 -13.37
N LEU B 180 -27.13 4.74 -13.10
CA LEU B 180 -28.05 4.29 -14.13
C LEU B 180 -28.88 5.43 -14.73
N ARG B 181 -28.90 6.61 -14.10
CA ARG B 181 -29.69 7.71 -14.62
C ARG B 181 -29.07 8.31 -15.87
N GLN B 182 -27.75 8.28 -15.97
CA GLN B 182 -27.04 9.00 -17.01
C GLN B 182 -26.77 8.13 -18.24
N ALA B 183 -27.37 6.96 -18.31
CA ALA B 183 -27.26 6.14 -19.51
C ALA B 183 -28.63 5.68 -19.98
N VAL B 184 -29.53 5.42 -19.04
CA VAL B 184 -30.90 5.00 -19.32
C VAL B 184 -31.84 5.95 -18.61
N SER B 185 -32.76 6.55 -19.35
CA SER B 185 -33.72 7.43 -18.70
C SER B 185 -34.78 6.60 -18.00
N PRO B 186 -35.04 6.84 -16.72
CA PRO B 186 -36.07 6.06 -16.01
C PRO B 186 -37.49 6.40 -16.45
N ASP B 187 -37.72 7.56 -17.05
CA ASP B 187 -39.06 7.97 -17.43
C ASP B 187 -39.44 7.51 -18.83
N GLN B 188 -38.50 7.50 -19.77
CA GLN B 188 -38.81 7.10 -21.13
C GLN B 188 -38.58 5.62 -21.37
N GLU B 189 -37.63 5.00 -20.67
CA GLU B 189 -37.34 3.58 -20.76
C GLU B 189 -37.54 2.95 -19.38
N PRO B 190 -38.78 2.68 -18.98
CA PRO B 190 -38.99 2.09 -17.65
C PRO B 190 -38.59 0.63 -17.56
N ILE B 191 -38.91 -0.16 -18.59
CA ILE B 191 -38.66 -1.60 -18.55
C ILE B 191 -37.16 -1.88 -18.63
N LEU B 192 -36.44 -1.09 -19.42
CA LEU B 192 -34.98 -1.19 -19.45
C LEU B 192 -34.36 -0.72 -18.15
N TYR B 193 -35.04 0.18 -17.42
CA TYR B 193 -34.50 0.62 -16.14
C TYR B 193 -34.70 -0.43 -15.05
N LEU B 194 -35.81 -1.16 -15.07
CA LEU B 194 -35.96 -2.30 -14.15
C LEU B 194 -35.43 -3.58 -14.79
N GLN B 195 -34.27 -3.47 -15.42
CA GLN B 195 -33.47 -4.61 -15.84
C GLN B 195 -32.00 -4.39 -15.55
N LEU B 196 -31.60 -3.15 -15.29
CA LEU B 196 -30.26 -2.83 -14.84
C LEU B 196 -30.22 -2.53 -13.35
N ALA B 197 -31.37 -2.33 -12.71
CA ALA B 197 -31.41 -2.28 -11.26
C ALA B 197 -31.43 -3.68 -10.68
N PHE B 198 -31.94 -4.66 -11.43
CA PHE B 198 -31.94 -6.04 -10.99
C PHE B 198 -30.67 -6.79 -11.41
N THR B 199 -30.02 -6.36 -12.50
CA THR B 199 -28.76 -6.97 -12.86
C THR B 199 -27.60 -6.39 -12.06
N SER B 200 -27.71 -5.14 -11.62
CA SER B 200 -26.67 -4.58 -10.76
C SER B 200 -26.75 -5.17 -9.37
N THR B 201 -27.96 -5.47 -8.90
CA THR B 201 -28.14 -6.13 -7.62
C THR B 201 -27.59 -7.55 -7.66
N PHE B 202 -27.74 -8.23 -8.80
CA PHE B 202 -27.14 -9.55 -8.96
C PHE B 202 -25.63 -9.44 -9.02
N PHE B 203 -25.10 -8.47 -9.76
CA PHE B 203 -23.66 -8.29 -9.85
C PHE B 203 -23.07 -7.65 -8.59
N ALA B 204 -23.89 -7.01 -7.75
CA ALA B 204 -23.44 -6.68 -6.41
C ALA B 204 -23.48 -7.92 -5.52
N GLY B 205 -24.42 -8.82 -5.78
CA GLY B 205 -24.51 -10.03 -5.00
C GLY B 205 -23.35 -10.98 -5.26
N VAL B 206 -23.02 -11.19 -6.54
CA VAL B 206 -21.89 -12.08 -6.87
C VAL B 206 -20.55 -11.44 -6.62
N PHE B 207 -20.50 -10.14 -6.35
CA PHE B 207 -19.26 -9.51 -5.93
C PHE B 207 -19.07 -9.59 -4.43
N GLN B 208 -20.14 -9.43 -3.67
CA GLN B 208 -20.06 -9.52 -2.21
C GLN B 208 -19.89 -10.96 -1.76
N ALA B 209 -20.57 -11.90 -2.42
CA ALA B 209 -20.45 -13.30 -2.04
C ALA B 209 -19.12 -13.89 -2.43
N SER B 210 -18.57 -13.52 -3.59
CA SER B 210 -17.28 -14.02 -4.05
C SER B 210 -16.13 -13.13 -3.58
N LEU B 211 -16.35 -12.35 -2.54
CA LEU B 211 -15.29 -11.67 -1.81
C LEU B 211 -15.15 -12.17 -0.39
N GLY B 212 -16.17 -12.82 0.17
CA GLY B 212 -16.08 -13.48 1.44
C GLY B 212 -15.90 -14.97 1.29
N PHE B 213 -16.19 -15.50 0.09
CA PHE B 213 -15.90 -16.90 -0.18
C PHE B 213 -14.42 -17.11 -0.47
N LEU B 214 -13.77 -16.14 -1.10
CA LEU B 214 -12.34 -16.18 -1.35
C LEU B 214 -11.52 -15.71 -0.16
N ARG B 215 -12.19 -15.46 0.99
CA ARG B 215 -11.58 -14.96 2.23
C ARG B 215 -10.83 -13.65 2.00
N LEU B 216 -11.40 -12.83 1.12
CA LEU B 216 -10.75 -11.62 0.63
C LEU B 216 -11.40 -10.37 1.21
N GLY B 217 -12.19 -10.50 2.26
CA GLY B 217 -12.77 -9.30 2.82
C GLY B 217 -11.89 -8.71 3.90
N PHE B 218 -10.97 -7.89 3.45
CA PHE B 218 -10.31 -6.87 4.24
C PHE B 218 -10.12 -5.62 3.42
N ILE B 219 -10.50 -5.66 2.13
CA ILE B 219 -10.39 -4.51 1.24
C ILE B 219 -11.56 -3.56 1.38
N VAL B 220 -12.61 -3.93 2.12
CA VAL B 220 -13.63 -2.97 2.50
C VAL B 220 -13.18 -2.14 3.69
N ASP B 221 -12.07 -2.50 4.32
CA ASP B 221 -11.42 -1.66 5.32
C ASP B 221 -10.52 -0.61 4.67
N PHE B 222 -10.21 -0.74 3.38
CA PHE B 222 -9.48 0.30 2.67
C PHE B 222 -10.35 1.53 2.43
N LEU B 223 -11.66 1.36 2.46
CA LEU B 223 -12.61 2.46 2.37
C LEU B 223 -12.61 3.19 3.71
N SER B 224 -11.86 4.28 3.79
CA SER B 224 -11.73 5.02 5.03
C SER B 224 -13.01 5.80 5.33
N LYS B 225 -13.11 6.29 6.56
CA LYS B 225 -14.20 7.19 6.92
C LYS B 225 -14.00 8.57 6.34
N ALA B 226 -12.77 8.92 5.99
CA ALA B 226 -12.50 10.19 5.31
C ALA B 226 -12.85 10.11 3.83
N THR B 227 -12.60 8.97 3.20
CA THR B 227 -13.01 8.71 1.83
C THR B 227 -14.53 8.71 1.67
N LEU B 228 -15.26 8.15 2.62
CA LEU B 228 -16.71 8.09 2.59
C LEU B 228 -17.35 9.36 3.17
N THR B 229 -16.59 10.41 3.34
CA THR B 229 -17.13 11.72 3.67
C THR B 229 -17.14 12.64 2.47
N GLY B 230 -16.12 12.59 1.64
CA GLY B 230 -16.12 13.34 0.39
C GLY B 230 -16.93 12.66 -0.67
N PHE B 231 -16.99 11.34 -0.64
CA PHE B 231 -17.84 10.59 -1.57
C PHE B 231 -19.31 10.86 -1.29
N MET B 232 -19.78 10.47 -0.10
CA MET B 232 -21.12 10.83 0.31
C MET B 232 -21.14 12.31 0.65
N GLY B 233 -21.42 13.15 -0.33
CA GLY B 233 -21.28 14.57 -0.19
C GLY B 233 -20.76 15.18 -1.46
N GLY B 234 -20.02 14.37 -2.23
CA GLY B 234 -19.67 14.74 -3.58
C GLY B 234 -20.59 14.03 -4.55
N ALA B 235 -21.21 12.94 -4.08
CA ALA B 235 -22.24 12.25 -4.83
C ALA B 235 -23.63 12.66 -4.43
N ALA B 236 -23.79 13.35 -3.30
CA ALA B 236 -25.07 13.91 -2.88
C ALA B 236 -25.33 15.26 -3.52
N ILE B 237 -24.40 15.78 -4.29
CA ILE B 237 -24.58 17.00 -5.06
C ILE B 237 -24.94 16.70 -6.51
N ILE B 238 -24.27 15.72 -7.13
CA ILE B 238 -24.57 15.37 -8.51
C ILE B 238 -25.90 14.62 -8.64
N VAL B 239 -26.45 14.12 -7.53
CA VAL B 239 -27.84 13.67 -7.53
C VAL B 239 -28.77 14.86 -7.36
N SER B 240 -28.37 15.82 -6.53
CA SER B 240 -29.14 17.05 -6.36
C SER B 240 -29.08 17.92 -7.61
N LEU B 241 -28.06 17.74 -8.46
CA LEU B 241 -28.03 18.44 -9.74
C LEU B 241 -28.90 17.73 -10.77
N GLN B 242 -28.88 16.39 -10.79
CA GLN B 242 -29.70 15.63 -11.73
C GLN B 242 -31.18 15.77 -11.41
N GLN B 243 -31.52 15.94 -10.14
CA GLN B 243 -32.88 16.20 -9.71
C GLN B 243 -33.19 17.69 -9.67
N LEU B 244 -32.34 18.51 -10.29
CA LEU B 244 -32.61 19.91 -10.51
C LEU B 244 -32.84 20.24 -11.98
N LYS B 245 -32.37 19.41 -12.89
CA LYS B 245 -32.63 19.57 -14.32
C LYS B 245 -34.01 19.05 -14.70
N GLY B 246 -34.34 17.84 -14.26
CA GLY B 246 -35.62 17.24 -14.58
C GLY B 246 -36.81 17.84 -13.85
N LEU B 247 -36.59 18.62 -12.80
CA LEU B 247 -37.68 19.26 -12.08
C LEU B 247 -38.23 20.48 -12.80
N LEU B 248 -37.39 21.22 -13.51
CA LEU B 248 -37.82 22.41 -14.23
C LEU B 248 -38.60 22.03 -15.50
N ALA B 274 -47.76 23.39 -8.25
CA ALA B 274 -48.77 24.06 -7.44
C ALA B 274 -48.14 24.71 -6.21
N TRP B 275 -48.97 25.09 -5.23
CA TRP B 275 -48.47 25.81 -4.07
C TRP B 275 -48.53 25.03 -2.77
N GLN B 276 -49.53 24.17 -2.55
CA GLN B 276 -49.52 23.38 -1.32
C GLN B 276 -48.54 22.21 -1.41
N THR B 277 -48.18 21.82 -2.65
CA THR B 277 -47.05 20.91 -2.87
C THR B 277 -45.76 21.48 -2.27
N ILE B 278 -45.55 22.79 -2.41
CA ILE B 278 -44.39 23.44 -1.83
C ILE B 278 -44.52 23.51 -0.31
N LEU B 279 -45.73 23.75 0.20
CA LEU B 279 -45.90 23.91 1.64
C LEU B 279 -45.96 22.58 2.36
N MET B 280 -46.49 21.52 1.75
CA MET B 280 -46.45 20.19 2.35
C MET B 280 -45.07 19.54 2.21
N GLY B 281 -44.25 20.02 1.27
CA GLY B 281 -42.89 19.54 1.17
C GLY B 281 -41.91 20.28 2.04
N VAL B 282 -42.32 21.41 2.61
CA VAL B 282 -41.47 22.17 3.51
C VAL B 282 -41.93 22.08 4.96
N ALA B 283 -43.22 21.75 5.21
CA ALA B 283 -43.67 21.55 6.58
C ALA B 283 -43.16 20.22 7.12
N PHE B 284 -43.30 19.16 6.34
CA PHE B 284 -42.80 17.84 6.71
C PHE B 284 -41.30 17.69 6.49
N LEU B 285 -40.65 18.68 5.90
CA LEU B 285 -39.21 18.82 5.97
C LEU B 285 -38.77 19.52 7.26
N ALA B 286 -39.70 20.16 7.97
CA ALA B 286 -39.43 20.67 9.30
C ALA B 286 -39.88 19.71 10.39
N VAL B 287 -40.73 18.74 10.07
CA VAL B 287 -41.02 17.67 11.01
C VAL B 287 -39.93 16.61 10.99
N LEU B 288 -39.27 16.40 9.85
CA LEU B 288 -38.28 15.34 9.73
C LEU B 288 -36.86 15.79 10.01
N LEU B 289 -36.58 17.09 9.98
CA LEU B 289 -35.22 17.57 10.20
C LEU B 289 -34.96 18.00 11.63
N THR B 290 -35.94 18.59 12.31
CA THR B 290 -35.76 18.90 13.72
C THR B 290 -35.87 17.65 14.59
N THR B 291 -36.61 16.64 14.15
CA THR B 291 -36.80 15.45 14.97
C THR B 291 -35.58 14.53 14.90
N ARG B 292 -34.83 14.57 13.80
CA ARG B 292 -33.56 13.87 13.76
C ARG B 292 -32.45 14.66 14.43
N HIS B 293 -32.73 15.87 14.87
CA HIS B 293 -31.85 16.63 15.76
C HIS B 293 -32.17 16.39 17.22
N ILE B 294 -33.44 16.17 17.56
CA ILE B 294 -33.83 15.83 18.92
C ILE B 294 -33.25 14.47 19.30
N SER B 295 -33.31 13.50 18.40
CA SER B 295 -32.79 12.18 18.68
C SER B 295 -31.29 12.07 18.55
N ALA B 296 -30.65 13.01 17.84
CA ALA B 296 -29.19 13.02 17.78
C ALA B 296 -28.57 13.57 19.06
N ARG B 297 -29.32 14.39 19.81
CA ARG B 297 -28.83 14.95 21.06
C ARG B 297 -29.03 13.99 22.22
N ASN B 298 -30.26 13.54 22.43
CA ASN B 298 -30.59 12.67 23.54
C ASN B 298 -30.77 11.25 23.04
N PRO B 299 -29.92 10.29 23.43
CA PRO B 299 -30.13 8.90 23.01
C PRO B 299 -31.10 8.13 23.90
N LYS B 300 -32.21 8.77 24.26
CA LYS B 300 -33.35 8.14 24.90
C LYS B 300 -34.63 8.46 24.13
N LEU B 301 -34.62 9.52 23.35
CA LEU B 301 -35.71 9.92 22.47
C LEU B 301 -35.42 9.48 21.04
N PHE B 302 -34.90 8.25 20.89
CA PHE B 302 -34.77 7.66 19.56
C PHE B 302 -36.14 7.42 18.92
N TRP B 303 -37.18 7.24 19.74
CA TRP B 303 -38.49 6.83 19.24
C TRP B 303 -39.21 7.94 18.49
N VAL B 304 -38.84 9.20 18.72
CA VAL B 304 -39.49 10.27 17.96
C VAL B 304 -38.95 10.36 16.54
N SER B 305 -37.71 9.93 16.29
CA SER B 305 -37.17 9.88 14.94
C SER B 305 -37.48 8.58 14.24
N ALA B 306 -37.75 7.52 14.99
CA ALA B 306 -38.22 6.28 14.37
C ALA B 306 -39.67 6.38 13.95
N ALA B 307 -40.46 7.24 14.60
CA ALA B 307 -41.86 7.39 14.26
C ALA B 307 -42.13 8.50 13.27
N ALA B 308 -41.19 9.42 13.09
CA ALA B 308 -41.39 10.60 12.26
C ALA B 308 -41.54 10.34 10.75
N PRO B 309 -40.83 9.39 10.12
CA PRO B 309 -41.18 9.09 8.72
C PRO B 309 -42.53 8.42 8.54
N LEU B 310 -42.93 7.55 9.47
CA LEU B 310 -44.24 6.90 9.33
C LEU B 310 -45.38 7.87 9.64
N THR B 311 -45.17 8.77 10.62
CA THR B 311 -46.19 9.75 10.95
C THR B 311 -46.35 10.76 9.81
N SER B 312 -45.25 11.09 9.12
CA SER B 312 -45.32 11.98 7.97
C SER B 312 -46.08 11.33 6.82
N VAL B 313 -45.98 10.02 6.66
CA VAL B 313 -46.74 9.33 5.62
C VAL B 313 -48.21 9.21 6.03
N ILE B 314 -48.48 8.91 7.29
CA ILE B 314 -49.85 8.69 7.76
C ILE B 314 -50.67 9.98 7.79
N ILE B 315 -50.11 11.06 8.33
CA ILE B 315 -50.83 12.31 8.54
C ILE B 315 -51.11 12.98 7.19
N SER B 316 -50.10 13.04 6.32
CA SER B 316 -50.25 13.67 5.02
C SER B 316 -51.24 12.94 4.12
N THR B 317 -51.38 11.63 4.31
CA THR B 317 -52.41 10.89 3.58
C THR B 317 -53.81 11.30 4.04
N ILE B 318 -53.94 11.66 5.31
CA ILE B 318 -55.24 12.21 5.75
C ILE B 318 -55.56 13.58 5.16
N ILE B 319 -54.56 14.46 5.10
CA ILE B 319 -54.72 15.83 4.53
C ILE B 319 -54.84 15.65 3.03
N SER B 320 -54.59 14.47 2.47
CA SER B 320 -54.85 14.26 1.01
C SER B 320 -56.10 13.47 0.61
N PHE B 321 -56.55 12.53 1.42
CA PHE B 321 -57.86 11.88 1.11
C PHE B 321 -58.92 12.95 1.38
N VAL B 322 -58.70 13.76 2.41
CA VAL B 322 -59.67 14.82 2.78
C VAL B 322 -59.83 15.92 1.75
N SER B 323 -59.04 15.86 0.68
CA SER B 323 -59.08 16.92 -0.35
C SER B 323 -59.38 16.28 -1.68
N LYS B 324 -58.81 15.09 -1.96
CA LYS B 324 -58.68 14.56 -3.34
C LYS B 324 -57.90 15.81 -3.67
N ALA B 325 -56.76 15.94 -3.01
CA ALA B 325 -56.06 17.24 -3.05
C ALA B 325 -55.49 17.26 -4.45
N HIS B 326 -55.89 18.31 -5.18
CA HIS B 326 -55.25 18.50 -6.49
C HIS B 326 -54.11 19.43 -6.13
N GLY B 327 -53.19 19.62 -7.06
CA GLY B 327 -52.03 20.40 -6.67
C GLY B 327 -51.18 19.60 -5.72
N ILE B 328 -51.44 18.30 -5.59
CA ILE B 328 -50.56 17.41 -4.80
C ILE B 328 -50.52 16.10 -5.58
N SER B 329 -49.34 15.69 -6.06
CA SER B 329 -49.21 14.39 -6.75
C SER B 329 -49.47 13.29 -5.70
N VAL B 330 -49.66 12.04 -6.09
CA VAL B 330 -50.03 11.02 -5.08
C VAL B 330 -49.47 9.70 -5.58
N ILE B 331 -48.99 8.80 -4.72
CA ILE B 331 -48.31 7.56 -5.19
C ILE B 331 -49.26 6.88 -6.17
N GLY B 332 -50.52 6.72 -5.78
CA GLY B 332 -51.51 6.08 -6.66
C GLY B 332 -51.66 4.62 -6.37
N ASP B 333 -52.18 3.87 -7.32
CA ASP B 333 -52.39 2.43 -7.13
C ASP B 333 -51.04 1.73 -7.17
N LEU B 334 -50.75 0.91 -6.15
CA LEU B 334 -49.52 0.11 -6.16
C LEU B 334 -49.95 -1.35 -6.27
N PRO B 335 -49.21 -2.21 -6.98
CA PRO B 335 -49.63 -3.60 -7.23
C PRO B 335 -49.67 -4.43 -5.95
N LYS B 336 -50.88 -4.84 -5.57
CA LYS B 336 -51.08 -5.61 -4.35
C LYS B 336 -50.63 -7.05 -4.57
N GLY B 337 -49.81 -7.55 -3.65
CA GLY B 337 -49.30 -8.90 -3.75
C GLY B 337 -47.84 -9.01 -3.33
N LEU B 338 -47.30 -10.22 -3.32
CA LEU B 338 -45.92 -10.46 -2.93
C LEU B 338 -44.98 -10.14 -4.08
N ASN B 339 -43.73 -10.56 -3.93
CA ASN B 339 -42.70 -10.24 -4.89
C ASN B 339 -42.92 -11.00 -6.20
N PRO B 340 -43.00 -10.31 -7.34
CA PRO B 340 -43.06 -11.01 -8.62
C PRO B 340 -41.72 -11.63 -8.94
N PRO B 341 -41.72 -12.81 -9.58
CA PRO B 341 -40.44 -13.44 -9.94
C PRO B 341 -39.70 -12.71 -11.04
N SER B 342 -38.55 -12.14 -10.69
CA SER B 342 -37.60 -11.61 -11.64
C SER B 342 -36.64 -12.75 -12.03
N ALA B 343 -35.48 -12.40 -12.60
CA ALA B 343 -34.41 -13.18 -13.26
C ALA B 343 -34.78 -13.52 -14.70
N ASN B 344 -36.00 -13.21 -15.13
CA ASN B 344 -36.25 -12.98 -16.54
C ASN B 344 -35.92 -11.55 -16.94
N MET B 345 -35.69 -10.68 -15.96
CA MET B 345 -35.25 -9.31 -16.16
C MET B 345 -33.78 -9.13 -15.84
N LEU B 346 -33.02 -10.21 -15.80
CA LEU B 346 -31.58 -10.17 -15.55
C LEU B 346 -30.88 -10.29 -16.90
N THR B 347 -30.30 -9.19 -17.37
CA THR B 347 -29.74 -9.13 -18.72
C THR B 347 -28.24 -9.33 -18.64
N PHE B 348 -27.79 -10.55 -18.92
CA PHE B 348 -26.38 -10.87 -19.01
C PHE B 348 -25.83 -10.72 -20.42
N SER B 349 -26.59 -10.12 -21.33
CA SER B 349 -26.18 -9.99 -22.72
C SER B 349 -26.86 -8.76 -23.31
N GLY B 350 -26.07 -7.87 -23.89
CA GLY B 350 -26.60 -6.67 -24.51
C GLY B 350 -25.58 -5.56 -24.43
N SER B 351 -26.04 -4.35 -24.73
CA SER B 351 -25.18 -3.18 -24.64
C SER B 351 -24.96 -2.77 -23.19
N TYR B 352 -25.99 -2.88 -22.35
CA TYR B 352 -25.90 -2.49 -20.95
C TYR B 352 -25.66 -3.73 -20.09
N VAL B 353 -24.41 -4.19 -20.11
CA VAL B 353 -23.99 -5.30 -19.26
C VAL B 353 -22.68 -4.86 -18.63
N GLY B 354 -22.12 -3.76 -19.13
CA GLY B 354 -20.95 -3.17 -18.54
C GLY B 354 -21.33 -2.01 -17.65
N LEU B 355 -22.55 -1.50 -17.84
CA LEU B 355 -23.15 -0.55 -16.92
C LEU B 355 -23.75 -1.22 -15.71
N ALA B 356 -24.47 -2.32 -15.91
CA ALA B 356 -25.00 -3.11 -14.81
C ALA B 356 -23.90 -3.83 -14.03
N LEU B 357 -22.73 -4.00 -14.61
CA LEU B 357 -21.58 -4.49 -13.87
C LEU B 357 -20.84 -3.39 -13.14
N ASN B 358 -20.76 -2.20 -13.71
CA ASN B 358 -20.12 -1.08 -13.04
C ASN B 358 -20.91 -0.61 -11.82
N THR B 359 -22.24 -0.74 -11.85
CA THR B 359 -23.06 -0.41 -10.71
C THR B 359 -23.01 -1.50 -9.64
N GLY B 360 -22.67 -2.73 -10.04
CA GLY B 360 -22.58 -3.81 -9.07
C GLY B 360 -21.31 -3.81 -8.25
N ILE B 361 -20.20 -3.35 -8.83
CA ILE B 361 -18.94 -3.28 -8.09
C ILE B 361 -18.86 -1.92 -7.41
N MET B 362 -19.85 -1.06 -7.64
CA MET B 362 -19.91 0.22 -6.95
C MET B 362 -20.95 0.25 -5.84
N THR B 363 -22.16 -0.25 -6.08
CA THR B 363 -23.12 -0.42 -5.01
C THR B 363 -22.95 -1.72 -4.25
N GLY B 364 -21.94 -2.51 -4.58
CA GLY B 364 -21.62 -3.71 -3.84
C GLY B 364 -20.48 -3.46 -2.87
N ILE B 365 -19.75 -2.37 -3.08
CA ILE B 365 -18.75 -1.92 -2.12
C ILE B 365 -19.38 -1.04 -1.06
N LEU B 366 -20.17 -0.04 -1.47
CA LEU B 366 -20.78 0.89 -0.55
C LEU B 366 -21.85 0.25 0.32
N SER B 367 -22.49 -0.82 -0.17
CA SER B 367 -23.37 -1.60 0.68
C SER B 367 -22.59 -2.53 1.58
N LEU B 368 -21.34 -2.82 1.26
CA LEU B 368 -20.53 -3.69 2.10
C LEU B 368 -19.76 -2.91 3.16
N THR B 369 -19.47 -1.64 2.93
CA THR B 369 -18.84 -0.84 3.98
C THR B 369 -19.85 -0.30 4.97
N GLU B 370 -21.13 -0.61 4.82
CA GLU B 370 -22.17 -0.27 5.78
C GLU B 370 -22.67 -1.47 6.56
N GLY B 371 -22.72 -2.64 5.92
CA GLY B 371 -23.17 -3.83 6.58
C GLY B 371 -22.09 -4.58 7.34
N ILE B 372 -20.83 -4.37 6.97
CA ILE B 372 -19.71 -5.00 7.66
C ILE B 372 -19.05 -3.90 8.49
N ALA B 373 -19.82 -2.87 8.80
CA ALA B 373 -19.40 -1.85 9.73
C ALA B 373 -20.45 -1.57 10.77
N VAL B 374 -21.68 -2.08 10.58
CA VAL B 374 -22.71 -2.01 11.59
C VAL B 374 -22.93 -3.35 12.26
N GLY B 375 -22.38 -4.43 11.70
CA GLY B 375 -22.32 -5.70 12.39
C GLY B 375 -21.08 -5.76 13.24
N ARG B 376 -20.10 -4.92 12.93
CA ARG B 376 -18.92 -4.76 13.76
C ARG B 376 -19.19 -3.87 14.96
N THR B 377 -20.00 -2.84 14.77
CA THR B 377 -20.30 -1.88 15.83
C THR B 377 -21.09 -2.55 16.95
N PHE B 378 -22.11 -3.32 16.61
CA PHE B 378 -22.97 -3.93 17.60
C PHE B 378 -22.44 -5.26 18.11
N ALA B 379 -21.37 -5.80 17.53
CA ALA B 379 -20.74 -6.98 18.09
C ALA B 379 -19.81 -6.64 19.24
N SER B 380 -19.32 -5.41 19.31
CA SER B 380 -18.46 -4.98 20.40
C SER B 380 -19.26 -4.40 21.56
N ILE B 381 -20.45 -3.86 21.29
CA ILE B 381 -21.31 -3.37 22.36
C ILE B 381 -21.93 -4.53 23.11
N ASN B 382 -22.34 -5.58 22.39
CA ASN B 382 -23.04 -6.71 23.00
C ASN B 382 -22.16 -7.94 23.17
N ASN B 383 -20.88 -7.85 22.78
CA ASN B 383 -19.83 -8.85 23.07
C ASN B 383 -20.16 -10.23 22.49
N TYR B 384 -20.20 -10.30 21.16
CA TYR B 384 -20.29 -11.57 20.47
C TYR B 384 -19.43 -11.50 19.21
N GLN B 385 -19.24 -12.65 18.56
CA GLN B 385 -18.27 -12.80 17.50
C GLN B 385 -18.98 -12.88 16.15
N VAL B 386 -18.66 -11.95 15.26
CA VAL B 386 -19.15 -11.93 13.89
C VAL B 386 -17.97 -12.21 12.98
N ASP B 387 -18.15 -13.12 12.02
CA ASP B 387 -17.04 -13.61 11.20
C ASP B 387 -16.52 -12.57 10.22
N GLY B 388 -17.38 -11.81 9.57
CA GLY B 388 -16.90 -10.84 8.61
C GLY B 388 -16.91 -11.37 7.19
N ASN B 389 -16.24 -12.49 6.95
CA ASN B 389 -16.29 -13.11 5.62
C ASN B 389 -17.56 -13.93 5.43
N LYS B 390 -17.99 -14.62 6.48
CA LYS B 390 -19.30 -15.29 6.46
C LYS B 390 -20.43 -14.28 6.47
N GLU B 391 -20.20 -13.09 7.02
CA GLU B 391 -21.16 -12.00 6.95
C GLU B 391 -21.20 -11.38 5.57
N MET B 392 -20.09 -11.40 4.83
CA MET B 392 -20.09 -10.95 3.44
C MET B 392 -20.64 -12.00 2.49
N MET B 393 -20.65 -13.26 2.87
CA MET B 393 -21.36 -14.25 2.08
C MET B 393 -22.86 -14.21 2.37
N ALA B 394 -23.24 -13.76 3.56
CA ALA B 394 -24.66 -13.60 3.87
C ALA B 394 -25.26 -12.45 3.09
N ILE B 395 -24.66 -11.26 3.22
CA ILE B 395 -25.02 -10.11 2.40
C ILE B 395 -24.37 -10.27 1.04
N GLY B 396 -25.10 -10.80 0.07
CA GLY B 396 -24.50 -11.13 -1.21
C GLY B 396 -25.06 -12.40 -1.78
N VAL B 397 -25.42 -13.34 -0.91
CA VAL B 397 -26.44 -14.32 -1.31
C VAL B 397 -27.80 -13.67 -1.10
N MET B 398 -27.88 -12.75 -0.15
CA MET B 398 -29.07 -11.93 0.08
C MET B 398 -29.39 -11.07 -1.13
N ASN B 399 -28.37 -10.53 -1.78
CA ASN B 399 -28.60 -9.62 -2.90
C ASN B 399 -28.92 -10.38 -4.18
N MET B 400 -28.14 -11.42 -4.50
CA MET B 400 -28.30 -12.11 -5.76
C MET B 400 -29.45 -13.11 -5.76
N ALA B 401 -29.98 -13.48 -4.59
CA ALA B 401 -31.25 -14.19 -4.54
C ALA B 401 -32.42 -13.25 -4.31
N GLY B 402 -32.16 -12.03 -3.85
CA GLY B 402 -33.19 -11.01 -3.87
C GLY B 402 -33.34 -10.37 -5.22
N SER B 403 -32.27 -10.35 -6.02
CA SER B 403 -32.33 -9.85 -7.39
C SER B 403 -33.26 -10.67 -8.27
N CYS B 404 -33.43 -11.95 -7.96
CA CYS B 404 -34.39 -12.79 -8.65
C CYS B 404 -35.80 -12.67 -8.08
N ALA B 405 -36.00 -11.85 -7.05
CA ALA B 405 -37.31 -11.67 -6.42
C ALA B 405 -37.69 -10.21 -6.38
N SER B 406 -37.28 -9.45 -7.41
CA SER B 406 -37.68 -8.05 -7.64
C SER B 406 -37.22 -7.12 -6.53
N CYS B 407 -36.00 -7.33 -6.02
CA CYS B 407 -35.41 -6.45 -5.04
C CYS B 407 -34.17 -5.78 -5.62
N TYR B 408 -33.79 -4.67 -5.04
CA TYR B 408 -32.54 -4.00 -5.38
C TYR B 408 -31.63 -4.05 -4.15
N VAL B 409 -30.50 -3.36 -4.22
CA VAL B 409 -29.35 -3.60 -3.33
C VAL B 409 -29.71 -3.27 -1.90
N THR B 410 -29.67 -4.27 -1.03
CA THR B 410 -29.92 -4.14 0.39
C THR B 410 -28.70 -4.60 1.17
N THR B 411 -28.59 -4.10 2.40
CA THR B 411 -27.55 -4.52 3.34
C THR B 411 -28.00 -4.09 4.73
N GLY B 412 -27.09 -4.16 5.69
CA GLY B 412 -27.37 -3.67 7.02
C GLY B 412 -27.27 -2.18 7.14
N SER B 413 -28.40 -1.51 7.31
CA SER B 413 -28.43 -0.05 7.32
C SER B 413 -27.95 0.49 8.66
N PHE B 414 -27.26 1.63 8.60
CA PHE B 414 -26.77 2.29 9.81
C PHE B 414 -27.93 2.79 10.67
N SER B 415 -28.97 3.31 10.03
CA SER B 415 -30.02 3.99 10.78
C SER B 415 -30.99 3.02 11.43
N ARG B 416 -31.41 1.97 10.72
CA ARG B 416 -32.37 1.05 11.29
C ARG B 416 -31.74 0.13 12.32
N SER B 417 -30.44 -0.16 12.20
CA SER B 417 -29.79 -1.02 13.18
C SER B 417 -29.64 -0.33 14.52
N ALA B 418 -29.51 1.00 14.51
CA ALA B 418 -29.50 1.75 15.74
C ALA B 418 -30.87 1.83 16.39
N VAL B 419 -31.94 1.84 15.59
CA VAL B 419 -33.28 1.72 16.13
C VAL B 419 -33.53 0.29 16.62
N ASN B 420 -32.87 -0.69 16.00
CA ASN B 420 -32.98 -2.07 16.47
C ASN B 420 -32.34 -2.25 17.84
N TYR B 421 -31.14 -1.71 18.01
CA TYR B 421 -30.50 -1.67 19.33
C TYR B 421 -30.79 -0.32 19.99
N SER B 422 -32.05 0.02 20.01
CA SER B 422 -32.56 0.93 21.03
C SER B 422 -33.93 0.52 21.51
N ALA B 423 -34.54 -0.48 20.89
CA ALA B 423 -35.83 -1.02 21.31
C ALA B 423 -35.69 -2.40 21.92
N GLY B 424 -34.47 -2.94 21.99
CA GLY B 424 -34.22 -4.16 22.72
C GLY B 424 -34.27 -5.41 21.87
N CYS B 425 -33.62 -5.40 20.71
CA CYS B 425 -33.51 -6.63 19.94
C CYS B 425 -32.50 -7.57 20.59
N LYS B 426 -32.77 -8.85 20.49
CA LYS B 426 -31.90 -9.86 21.10
C LYS B 426 -31.34 -10.84 20.09
N THR B 427 -32.09 -11.19 19.06
CA THR B 427 -31.68 -12.13 18.03
C THR B 427 -31.98 -11.52 16.66
N ALA B 428 -31.72 -12.29 15.61
CA ALA B 428 -32.14 -11.89 14.27
C ALA B 428 -33.51 -12.46 13.93
N VAL B 429 -34.45 -12.34 14.86
CA VAL B 429 -35.87 -12.54 14.59
C VAL B 429 -36.56 -11.20 14.48
N SER B 430 -35.88 -10.11 14.84
CA SER B 430 -36.34 -8.78 14.52
C SER B 430 -36.36 -8.52 13.02
N ASN B 431 -35.61 -9.29 12.23
CA ASN B 431 -35.70 -9.26 10.77
C ASN B 431 -36.78 -10.19 10.23
N ILE B 432 -37.44 -10.95 11.08
CA ILE B 432 -38.58 -11.75 10.68
C ILE B 432 -39.89 -11.02 11.00
N VAL B 433 -39.96 -10.38 12.17
CA VAL B 433 -41.09 -9.54 12.53
C VAL B 433 -41.14 -8.30 11.64
N MET B 434 -39.97 -7.86 11.16
CA MET B 434 -39.90 -6.81 10.16
C MET B 434 -40.53 -7.27 8.84
N ALA B 435 -40.14 -8.44 8.37
CA ALA B 435 -40.68 -9.01 7.14
C ALA B 435 -42.02 -9.70 7.34
N SER B 436 -42.63 -9.59 8.52
CA SER B 436 -43.98 -10.04 8.75
C SER B 436 -44.97 -8.90 8.82
N ALA B 437 -44.49 -7.67 9.02
CA ALA B 437 -45.31 -6.49 8.85
C ALA B 437 -45.07 -5.82 7.50
N VAL B 438 -44.09 -6.30 6.75
CA VAL B 438 -43.97 -5.97 5.34
C VAL B 438 -44.79 -6.94 4.49
N LEU B 439 -44.90 -8.19 4.92
CA LEU B 439 -45.79 -9.16 4.28
C LEU B 439 -47.25 -8.73 4.40
N VAL B 440 -47.62 -8.11 5.53
CA VAL B 440 -48.99 -7.66 5.70
C VAL B 440 -49.27 -6.47 4.79
N THR B 441 -48.36 -5.50 4.75
CA THR B 441 -48.61 -4.32 3.95
C THR B 441 -48.39 -4.55 2.46
N LEU B 442 -47.78 -5.66 2.06
CA LEU B 442 -47.71 -6.03 0.65
C LEU B 442 -48.92 -6.83 0.19
N LEU B 443 -49.76 -7.27 1.11
CA LEU B 443 -50.91 -8.09 0.78
C LEU B 443 -52.24 -7.44 1.09
N PHE B 444 -52.30 -6.53 2.08
CA PHE B 444 -53.58 -5.99 2.52
C PHE B 444 -53.59 -4.47 2.57
N LEU B 445 -52.44 -3.86 2.85
CA LEU B 445 -52.39 -2.42 3.13
C LEU B 445 -51.87 -1.64 1.93
N MET B 446 -51.87 -2.22 0.75
CA MET B 446 -51.47 -1.54 -0.48
C MET B 446 -52.46 -0.50 -1.03
N PRO B 447 -53.78 -0.64 -0.93
CA PRO B 447 -54.64 0.50 -1.34
C PRO B 447 -54.58 1.70 -0.42
N LEU B 448 -53.91 1.65 0.72
CA LEU B 448 -53.82 2.79 1.61
C LEU B 448 -52.71 3.76 1.25
N PHE B 449 -51.94 3.47 0.19
CA PHE B 449 -50.93 4.38 -0.33
C PHE B 449 -51.40 5.12 -1.57
N HIS B 450 -52.72 5.18 -1.80
CA HIS B 450 -53.24 5.77 -3.01
C HIS B 450 -53.30 7.29 -2.93
N TYR B 451 -53.19 7.85 -1.72
CA TYR B 451 -53.23 9.30 -1.57
C TYR B 451 -52.00 9.84 -0.84
N THR B 452 -50.97 9.04 -0.67
CA THR B 452 -49.73 9.54 -0.10
C THR B 452 -49.00 10.36 -1.15
N PRO B 453 -48.65 11.62 -0.86
CA PRO B 453 -47.99 12.46 -1.85
C PRO B 453 -46.56 12.05 -2.11
N ASN B 454 -46.10 12.31 -3.33
CA ASN B 454 -44.70 12.06 -3.67
C ASN B 454 -43.76 13.08 -3.04
N VAL B 455 -44.27 14.23 -2.63
CA VAL B 455 -43.41 15.24 -2.02
C VAL B 455 -43.11 14.90 -0.57
N ILE B 456 -43.91 14.03 0.05
CA ILE B 456 -43.66 13.65 1.45
C ILE B 456 -42.47 12.71 1.53
N LEU B 457 -42.45 11.70 0.68
CA LEU B 457 -41.32 10.80 0.57
C LEU B 457 -40.29 11.30 -0.43
N SER B 458 -40.40 12.56 -0.85
CA SER B 458 -39.25 13.32 -1.31
C SER B 458 -38.57 14.05 -0.17
N ALA B 459 -39.31 14.39 0.88
CA ALA B 459 -38.71 14.98 2.07
C ALA B 459 -37.96 13.95 2.90
N ILE B 460 -38.38 12.68 2.85
CA ILE B 460 -37.60 11.61 3.48
C ILE B 460 -36.30 11.37 2.72
N ILE B 461 -36.28 11.68 1.42
CA ILE B 461 -35.04 11.61 0.66
C ILE B 461 -34.11 12.73 1.08
N ILE B 462 -34.64 13.96 1.22
CA ILE B 462 -33.82 15.15 1.46
C ILE B 462 -33.12 15.07 2.82
N THR B 463 -33.83 14.61 3.86
CA THR B 463 -33.19 14.41 5.15
C THR B 463 -32.16 13.29 5.13
N ALA B 464 -32.26 12.37 4.17
CA ALA B 464 -31.27 11.33 4.00
C ALA B 464 -30.15 11.72 3.04
N VAL B 465 -30.33 12.76 2.23
CA VAL B 465 -29.27 13.28 1.38
C VAL B 465 -28.45 14.35 2.09
N ILE B 466 -29.10 15.30 2.76
CA ILE B 466 -28.36 16.29 3.54
C ILE B 466 -27.90 15.74 4.88
N GLY B 467 -28.29 14.52 5.24
CA GLY B 467 -27.66 13.78 6.30
C GLY B 467 -26.43 13.04 5.86
N LEU B 468 -26.15 13.01 4.55
CA LEU B 468 -24.90 12.50 4.03
C LEU B 468 -23.86 13.58 3.84
N ILE B 469 -24.29 14.83 3.60
CA ILE B 469 -23.34 15.93 3.38
C ILE B 469 -22.84 16.40 4.73
N ASP B 470 -21.76 15.78 5.20
CA ASP B 470 -21.17 16.03 6.51
C ASP B 470 -19.97 16.95 6.33
N VAL B 471 -20.23 18.26 6.40
CA VAL B 471 -19.16 19.22 6.19
C VAL B 471 -18.39 19.50 7.49
N ARG B 472 -19.01 19.24 8.65
CA ARG B 472 -18.33 19.52 9.91
C ARG B 472 -17.17 18.57 10.14
N GLY B 473 -17.38 17.27 9.92
CA GLY B 473 -16.32 16.30 10.05
C GLY B 473 -15.33 16.32 8.91
N ALA B 474 -15.65 17.00 7.82
CA ALA B 474 -14.67 17.24 6.76
C ALA B 474 -13.76 18.41 7.08
N ALA B 475 -14.29 19.42 7.77
CA ALA B 475 -13.45 20.49 8.31
C ALA B 475 -12.70 20.03 9.55
N ARG B 476 -13.30 19.12 10.33
CA ARG B 476 -12.61 18.50 11.46
C ARG B 476 -11.46 17.62 10.99
N LEU B 477 -11.54 17.08 9.77
CA LEU B 477 -10.45 16.32 9.17
C LEU B 477 -9.27 17.19 8.73
N TRP B 478 -9.37 18.51 8.84
CA TRP B 478 -8.26 19.41 8.54
C TRP B 478 -7.43 19.76 9.77
N LYS B 479 -8.04 19.81 10.95
CA LYS B 479 -7.32 20.16 12.17
C LYS B 479 -6.46 19.02 12.68
N VAL B 480 -6.81 17.78 12.36
CA VAL B 480 -6.17 16.60 12.94
C VAL B 480 -5.14 16.00 11.98
N ASP B 481 -5.58 15.56 10.82
CA ASP B 481 -4.71 14.98 9.80
C ASP B 481 -4.73 15.88 8.57
N LYS B 482 -3.85 15.59 7.61
CA LYS B 482 -3.86 16.33 6.35
C LYS B 482 -3.76 15.44 5.12
N LEU B 483 -3.41 14.16 5.26
CA LEU B 483 -3.53 13.19 4.19
C LEU B 483 -4.85 12.46 4.21
N ASP B 484 -5.65 12.67 5.25
CA ASP B 484 -7.04 12.25 5.28
C ASP B 484 -7.98 13.37 4.86
N PHE B 485 -7.51 14.61 4.86
CA PHE B 485 -8.23 15.70 4.21
C PHE B 485 -7.99 15.71 2.72
N LEU B 486 -6.82 15.24 2.28
CA LEU B 486 -6.56 15.10 0.86
C LEU B 486 -7.41 14.00 0.25
N ALA B 487 -7.64 12.92 1.00
CA ALA B 487 -8.51 11.85 0.53
C ALA B 487 -9.98 12.22 0.59
N CYS B 488 -10.35 13.14 1.48
CA CYS B 488 -11.72 13.62 1.52
C CYS B 488 -12.02 14.60 0.40
N MET B 489 -11.01 15.33 -0.09
CA MET B 489 -11.21 16.27 -1.18
C MET B 489 -10.81 15.71 -2.53
N ALA B 490 -10.19 14.54 -2.58
CA ALA B 490 -10.03 13.84 -3.84
C ALA B 490 -11.23 12.97 -4.19
N ALA B 491 -12.07 12.66 -3.20
CA ALA B 491 -13.36 12.03 -3.45
C ALA B 491 -14.45 13.05 -3.67
N PHE B 492 -14.36 14.22 -3.03
CA PHE B 492 -15.34 15.26 -3.26
C PHE B 492 -15.18 15.89 -4.63
N LEU B 493 -13.94 16.03 -5.09
CA LEU B 493 -13.66 16.64 -6.39
C LEU B 493 -13.30 15.60 -7.44
N GLY B 494 -13.46 14.32 -7.14
CA GLY B 494 -13.23 13.27 -8.10
C GLY B 494 -14.54 12.63 -8.50
N VAL B 495 -15.57 12.89 -7.71
CA VAL B 495 -16.93 12.51 -8.07
C VAL B 495 -17.69 13.67 -8.70
N LEU B 496 -17.47 14.90 -8.23
CA LEU B 496 -18.21 16.06 -8.72
C LEU B 496 -17.78 16.44 -10.13
N LEU B 497 -16.55 16.14 -10.53
CA LEU B 497 -16.07 16.49 -11.86
C LEU B 497 -15.89 15.26 -12.75
N VAL B 498 -15.05 14.33 -12.32
CA VAL B 498 -14.74 13.13 -13.09
C VAL B 498 -15.77 12.11 -12.58
N SER B 499 -15.93 10.96 -13.25
CA SER B 499 -16.95 9.97 -12.94
C SER B 499 -16.82 9.42 -11.50
N VAL B 500 -17.87 8.72 -11.08
CA VAL B 500 -17.98 8.27 -9.69
C VAL B 500 -17.04 7.12 -9.39
N GLN B 501 -16.54 6.40 -10.40
CA GLN B 501 -15.55 5.37 -10.20
C GLN B 501 -14.20 5.93 -9.80
N MET B 502 -13.80 7.05 -10.41
CA MET B 502 -12.51 7.66 -10.17
C MET B 502 -12.57 8.70 -9.05
N GLY B 503 -13.56 8.60 -8.17
CA GLY B 503 -13.58 9.40 -6.97
C GLY B 503 -13.43 8.47 -5.79
N LEU B 504 -13.75 7.20 -6.02
CA LEU B 504 -13.47 6.11 -5.09
C LEU B 504 -12.25 5.31 -5.52
N ALA B 505 -11.41 5.87 -6.37
CA ALA B 505 -10.19 5.19 -6.78
C ALA B 505 -8.98 6.08 -6.52
N ILE B 506 -9.16 7.39 -6.73
CA ILE B 506 -8.10 8.35 -6.42
C ILE B 506 -8.17 8.83 -4.98
N ALA B 507 -9.15 8.36 -4.21
CA ALA B 507 -9.21 8.62 -2.79
C ALA B 507 -8.90 7.41 -1.93
N VAL B 508 -9.28 6.21 -2.38
CA VAL B 508 -8.79 4.97 -1.78
C VAL B 508 -7.32 4.75 -2.11
N GLY B 509 -6.86 5.20 -3.27
CA GLY B 509 -5.48 5.01 -3.66
C GLY B 509 -4.51 5.92 -2.95
N ILE B 510 -4.97 7.09 -2.50
CA ILE B 510 -4.12 7.99 -1.73
C ILE B 510 -4.35 7.86 -0.24
N SER B 511 -5.32 7.06 0.18
CA SER B 511 -5.38 6.59 1.56
C SER B 511 -4.51 5.37 1.76
N LEU B 512 -4.38 4.52 0.74
CA LEU B 512 -3.40 3.45 0.76
C LEU B 512 -1.99 3.98 0.57
N PHE B 513 -1.84 5.19 0.04
CA PHE B 513 -0.51 5.75 -0.16
C PHE B 513 0.09 6.29 1.12
N LYS B 514 -0.73 6.84 2.02
CA LYS B 514 -0.21 7.33 3.29
C LYS B 514 0.17 6.21 4.23
N ILE B 515 -0.34 5.00 4.01
CA ILE B 515 0.18 3.83 4.70
C ILE B 515 1.55 3.46 4.16
N LEU B 516 1.69 3.47 2.83
CA LEU B 516 2.97 3.17 2.20
C LEU B 516 3.99 4.29 2.39
N LEU B 517 3.54 5.52 2.66
CA LEU B 517 4.44 6.63 2.94
C LEU B 517 4.99 6.58 4.38
N GLN B 518 4.50 5.67 5.21
CA GLN B 518 5.07 5.44 6.53
C GLN B 518 5.88 4.16 6.63
N VAL B 519 5.52 3.13 5.86
CA VAL B 519 6.34 1.93 5.80
C VAL B 519 7.63 2.21 5.06
N THR B 520 7.53 2.80 3.87
CA THR B 520 8.67 3.48 3.28
C THR B 520 8.90 4.77 4.04
N ARG B 521 10.17 5.07 4.31
CA ARG B 521 10.63 6.19 5.13
C ARG B 521 9.96 6.26 6.51
N PRO B 522 10.24 5.32 7.44
CA PRO B 522 9.64 5.43 8.77
C PRO B 522 10.46 6.28 9.72
N ASN B 523 10.03 6.32 10.98
CA ASN B 523 10.76 7.05 12.02
C ASN B 523 11.80 6.13 12.64
N MET B 524 13.03 6.63 12.75
CA MET B 524 14.10 5.94 13.44
C MET B 524 14.62 6.88 14.52
N VAL B 525 14.75 6.38 15.74
CA VAL B 525 15.11 7.20 16.87
C VAL B 525 16.38 6.67 17.51
N VAL B 526 17.08 7.55 18.22
CA VAL B 526 18.23 7.17 19.03
C VAL B 526 17.78 7.14 20.48
N LYS B 527 17.96 6.00 21.13
CA LYS B 527 17.43 5.77 22.46
C LYS B 527 18.51 5.87 23.52
N GLY B 528 18.09 6.21 24.73
CA GLY B 528 19.00 6.27 25.86
C GLY B 528 18.28 5.82 27.11
N VAL B 529 19.06 5.48 28.12
CA VAL B 529 18.51 4.91 29.35
C VAL B 529 17.93 6.01 30.21
N VAL B 530 16.71 5.80 30.69
CA VAL B 530 16.09 6.71 31.66
C VAL B 530 16.70 6.43 33.03
N PRO B 531 17.18 7.46 33.75
CA PRO B 531 17.92 7.21 34.99
C PRO B 531 17.05 6.66 36.10
N GLY B 532 17.61 5.71 36.86
CA GLY B 532 16.85 4.99 37.85
C GLY B 532 16.00 3.88 37.30
N THR B 533 16.11 3.59 36.01
CA THR B 533 15.22 2.66 35.31
C THR B 533 16.07 1.90 34.30
N ALA B 534 15.72 0.64 34.04
CA ALA B 534 16.40 -0.15 33.02
C ALA B 534 15.67 -0.10 31.69
N SER B 535 14.95 0.99 31.42
CA SER B 535 14.18 1.15 30.19
C SER B 535 14.88 2.15 29.27
N TYR B 536 14.93 1.82 27.99
CA TYR B 536 15.63 2.63 26.99
C TYR B 536 14.59 3.25 26.07
N ARG B 537 14.21 4.49 26.36
CA ARG B 537 13.30 5.24 25.52
C ARG B 537 14.08 6.19 24.64
N SER B 538 13.38 6.78 23.67
CA SER B 538 13.98 7.66 22.68
C SER B 538 14.49 8.95 23.32
N MET B 539 15.36 9.69 22.68
CA MET B 539 16.01 10.81 23.39
C MET B 539 15.40 12.11 22.90
N ALA B 540 14.59 12.04 21.86
CA ALA B 540 13.84 13.21 21.40
C ALA B 540 12.68 13.36 22.35
N GLN B 541 11.74 12.41 22.38
CA GLN B 541 10.70 12.40 23.41
C GLN B 541 11.58 12.02 24.58
N TYR B 542 11.14 12.20 25.80
CA TYR B 542 11.95 11.91 26.99
C TYR B 542 13.34 12.51 27.24
N ARG B 543 13.36 13.84 27.34
CA ARG B 543 14.62 14.55 27.60
C ARG B 543 15.44 14.05 28.79
N GLU B 544 14.83 13.30 29.71
CA GLU B 544 15.56 12.72 30.82
C GLU B 544 16.51 11.62 30.39
N ALA B 545 16.29 11.01 29.22
CA ALA B 545 17.01 9.83 28.78
C ALA B 545 18.41 10.22 28.32
N MET B 546 19.42 9.78 29.06
CA MET B 546 20.81 9.92 28.66
C MET B 546 21.36 8.62 28.06
N ARG B 547 22.41 8.77 27.28
CA ARG B 547 22.97 7.69 26.47
C ARG B 547 24.10 6.98 27.20
N VAL B 548 24.21 5.69 26.95
CA VAL B 548 25.35 4.91 27.45
C VAL B 548 26.57 5.27 26.62
N PRO B 549 27.78 5.43 27.23
CA PRO B 549 28.95 5.94 26.50
C PRO B 549 29.39 5.21 25.23
N SER B 550 29.61 3.91 25.30
CA SER B 550 30.15 3.17 24.15
C SER B 550 29.06 2.50 23.32
N PHE B 551 27.80 2.92 23.48
CA PHE B 551 26.68 2.27 22.81
C PHE B 551 25.90 3.28 21.99
N LEU B 552 25.21 2.76 20.98
CA LEU B 552 24.26 3.54 20.19
C LEU B 552 23.02 2.69 20.04
N VAL B 553 21.97 3.00 20.78
CA VAL B 553 20.71 2.27 20.70
C VAL B 553 19.82 2.95 19.68
N VAL B 554 19.53 2.25 18.59
CA VAL B 554 18.68 2.76 17.53
C VAL B 554 17.41 1.95 17.51
N GLY B 555 16.26 2.64 17.51
CA GLY B 555 15.00 1.95 17.41
C GLY B 555 14.27 2.30 16.14
N VAL B 556 14.12 1.35 15.22
CA VAL B 556 13.35 1.56 14.01
C VAL B 556 11.88 1.26 14.28
N GLU B 557 11.03 2.23 14.00
CA GLU B 557 9.60 2.14 14.31
C GLU B 557 8.77 1.82 13.07
N SER B 558 9.00 0.64 12.51
CA SER B 558 8.18 0.03 11.47
C SER B 558 8.68 -1.38 11.23
N ALA B 559 7.91 -2.11 10.42
CA ALA B 559 8.38 -3.38 9.89
C ALA B 559 9.45 -3.13 8.84
N ILE B 560 10.45 -4.01 8.80
CA ILE B 560 11.59 -3.85 7.88
C ILE B 560 11.25 -4.62 6.62
N TYR B 561 10.80 -3.91 5.60
CA TYR B 561 10.39 -4.48 4.33
C TYR B 561 11.45 -4.17 3.27
N PHE B 562 11.15 -4.58 2.03
CA PHE B 562 11.97 -4.21 0.89
C PHE B 562 11.95 -2.70 0.66
N ALA B 563 10.85 -2.05 1.01
CA ALA B 563 10.66 -0.65 0.69
C ALA B 563 11.48 0.28 1.58
N ASN B 564 11.96 -0.19 2.73
CA ASN B 564 12.71 0.67 3.61
C ASN B 564 14.07 0.13 4.03
N SER B 565 14.42 -1.12 3.67
CA SER B 565 15.61 -1.77 4.21
C SER B 565 16.91 -1.10 3.80
N MET B 566 16.92 -0.36 2.69
CA MET B 566 18.08 0.44 2.33
C MET B 566 18.03 1.84 2.92
N TYR B 567 16.85 2.28 3.36
CA TYR B 567 16.73 3.56 4.06
C TYR B 567 17.14 3.42 5.52
N LEU B 568 16.92 2.25 6.13
CA LEU B 568 17.34 2.02 7.50
C LEU B 568 18.80 1.64 7.60
N GLY B 569 19.54 1.65 6.49
CA GLY B 569 20.96 1.40 6.55
C GLY B 569 21.71 2.70 6.37
N GLU B 570 21.08 3.65 5.69
CA GLU B 570 21.64 4.98 5.50
C GLU B 570 21.22 5.94 6.60
N ARG B 571 20.28 5.55 7.46
CA ARG B 571 19.87 6.33 8.61
C ARG B 571 20.57 5.90 9.88
N ILE B 572 20.91 4.61 10.00
CA ILE B 572 21.73 4.15 11.11
C ILE B 572 23.12 4.74 11.02
N MET B 573 23.69 4.78 9.81
CA MET B 573 25.01 5.35 9.64
C MET B 573 25.01 6.86 9.71
N ARG B 574 23.86 7.50 9.49
CA ARG B 574 23.76 8.92 9.80
C ARG B 574 23.72 9.12 11.31
N PHE B 575 23.07 8.19 12.03
CA PHE B 575 23.11 8.20 13.49
C PHE B 575 24.50 7.84 14.00
N LEU B 576 25.21 6.97 13.28
CA LEU B 576 26.53 6.56 13.71
C LEU B 576 27.56 7.66 13.45
N ARG B 577 27.39 8.40 12.36
CA ARG B 577 28.31 9.49 12.02
C ARG B 577 28.17 10.66 12.97
N GLU B 578 26.96 10.93 13.45
CA GLU B 578 26.74 12.05 14.36
C GLU B 578 27.30 11.78 15.75
N GLU B 579 27.08 10.58 16.31
CA GLU B 579 27.60 10.27 17.63
C GLU B 579 29.09 9.92 17.63
N ASP B 580 29.66 9.51 16.51
CA ASP B 580 31.11 9.37 16.46
C ASP B 580 31.82 10.71 16.35
N GLU B 581 31.11 11.76 15.92
CA GLU B 581 31.64 13.10 15.85
C GLU B 581 31.32 13.92 17.10
N ARG B 582 30.18 13.64 17.75
CA ARG B 582 29.85 14.28 19.02
C ARG B 582 30.74 13.79 20.15
N ALA B 583 31.14 12.53 20.12
CA ALA B 583 32.04 12.01 21.15
C ALA B 583 33.47 12.52 20.98
N ALA B 584 33.84 12.97 19.78
CA ALA B 584 35.13 13.60 19.58
C ALA B 584 35.15 15.06 20.05
N LYS B 585 33.99 15.68 20.18
CA LYS B 585 33.89 17.04 20.72
C LYS B 585 33.64 17.06 22.22
N CYS B 586 33.58 15.91 22.88
CA CYS B 586 33.24 15.87 24.30
C CYS B 586 34.12 14.92 25.10
N ASN B 587 35.22 14.43 24.52
CA ASN B 587 36.23 13.59 25.18
C ASN B 587 35.61 12.28 25.69
N GLN B 588 34.85 11.62 24.82
CA GLN B 588 34.20 10.36 25.17
C GLN B 588 34.64 9.25 24.22
N CYS B 589 34.33 8.02 24.60
CA CYS B 589 34.70 6.85 23.82
C CYS B 589 33.79 6.68 22.61
N PRO B 590 34.31 6.15 21.50
CA PRO B 590 33.49 6.01 20.30
C PRO B 590 32.48 4.86 20.43
N VAL B 591 31.61 4.78 19.44
CA VAL B 591 30.58 3.75 19.40
C VAL B 591 31.24 2.41 19.10
N ARG B 592 31.04 1.44 19.99
CA ARG B 592 31.57 0.10 19.81
C ARG B 592 30.48 -0.96 19.84
N CYS B 593 29.22 -0.57 20.00
CA CYS B 593 28.10 -1.49 19.89
C CYS B 593 26.87 -0.71 19.47
N ILE B 594 26.27 -1.11 18.35
CA ILE B 594 25.00 -0.55 17.89
C ILE B 594 23.92 -1.56 18.21
N ILE B 595 22.98 -1.17 19.06
CA ILE B 595 21.88 -2.04 19.49
C ILE B 595 20.64 -1.63 18.72
N LEU B 596 20.08 -2.56 17.97
CA LEU B 596 18.81 -2.33 17.29
C LEU B 596 17.67 -2.77 18.19
N ASP B 597 16.96 -1.81 18.75
CA ASP B 597 15.73 -2.08 19.46
C ASP B 597 14.67 -2.46 18.44
N MET B 598 14.38 -3.76 18.33
CA MET B 598 13.38 -4.26 17.41
C MET B 598 12.01 -4.39 18.06
N SER B 599 11.72 -3.54 19.05
CA SER B 599 10.45 -3.60 19.76
C SER B 599 9.29 -3.21 18.86
N ALA B 600 9.53 -2.33 17.89
CA ALA B 600 8.49 -1.83 17.02
C ALA B 600 8.54 -2.45 15.63
N VAL B 601 9.43 -3.42 15.41
CA VAL B 601 9.52 -4.10 14.12
C VAL B 601 8.43 -5.16 14.07
N ALA B 602 7.42 -4.92 13.23
CA ALA B 602 6.28 -5.83 13.17
C ALA B 602 6.62 -7.11 12.41
N ALA B 603 7.20 -6.98 11.24
CA ALA B 603 7.58 -8.12 10.42
C ALA B 603 8.87 -7.77 9.70
N ILE B 604 9.44 -8.77 9.04
CA ILE B 604 10.67 -8.59 8.26
C ILE B 604 10.69 -9.64 7.16
N ASP B 605 11.04 -9.21 5.95
CA ASP B 605 11.04 -10.10 4.80
C ASP B 605 12.47 -10.47 4.44
N THR B 606 12.64 -11.18 3.32
CA THR B 606 13.95 -11.65 2.92
C THR B 606 14.87 -10.52 2.46
N SER B 607 14.29 -9.42 1.99
CA SER B 607 15.08 -8.22 1.72
C SER B 607 15.41 -7.45 2.98
N GLY B 608 14.71 -7.73 4.08
CA GLY B 608 14.98 -7.09 5.36
C GLY B 608 16.02 -7.82 6.17
N LEU B 609 16.02 -9.15 6.14
CA LEU B 609 17.07 -9.90 6.80
C LEU B 609 18.40 -9.74 6.08
N ASP B 610 18.37 -9.66 4.75
CA ASP B 610 19.60 -9.51 3.97
C ASP B 610 20.24 -8.15 4.18
N ALA B 611 19.42 -7.13 4.43
CA ALA B 611 19.97 -5.82 4.76
C ALA B 611 20.52 -5.76 6.17
N LEU B 612 20.05 -6.63 7.06
CA LEU B 612 20.58 -6.71 8.41
C LEU B 612 21.87 -7.53 8.48
N ALA B 613 22.14 -8.36 7.48
CA ALA B 613 23.40 -9.08 7.40
C ALA B 613 24.43 -8.36 6.54
N GLU B 614 23.99 -7.52 5.60
CA GLU B 614 24.88 -6.63 4.88
C GLU B 614 25.11 -5.32 5.63
N LEU B 615 24.56 -5.20 6.84
CA LEU B 615 24.91 -4.15 7.79
C LEU B 615 25.75 -4.67 8.93
N LYS B 616 25.60 -5.95 9.30
CA LYS B 616 26.39 -6.53 10.37
C LYS B 616 27.85 -6.68 9.95
N LYS B 617 28.10 -6.98 8.68
CA LYS B 617 29.46 -7.17 8.20
C LYS B 617 30.11 -5.88 7.71
N VAL B 618 29.32 -4.85 7.38
CA VAL B 618 29.90 -3.54 7.10
C VAL B 618 30.31 -2.87 8.42
N LEU B 619 29.49 -3.02 9.45
CA LEU B 619 29.84 -2.50 10.77
C LEU B 619 30.94 -3.30 11.44
N GLU B 620 31.22 -4.52 10.97
CA GLU B 620 32.29 -5.31 11.58
C GLU B 620 33.66 -4.90 11.05
N LYS B 621 33.71 -4.37 9.82
CA LYS B 621 34.96 -3.88 9.27
C LYS B 621 35.46 -2.63 10.00
N ARG B 622 34.54 -1.83 10.53
CA ARG B 622 34.88 -0.68 11.35
C ARG B 622 34.83 -0.99 12.84
N ASN B 623 34.71 -2.27 13.22
CA ASN B 623 34.75 -2.76 14.61
C ASN B 623 33.67 -2.13 15.47
N ILE B 624 32.41 -2.38 15.10
CA ILE B 624 31.28 -1.72 15.76
C ILE B 624 30.22 -2.71 16.24
N GLU B 625 30.16 -3.93 15.69
CA GLU B 625 29.46 -5.08 16.31
C GLU B 625 27.95 -4.86 16.49
N LEU B 626 27.21 -4.85 15.37
CA LEU B 626 25.76 -4.74 15.38
C LEU B 626 25.10 -5.88 16.17
N VAL B 627 24.11 -5.52 16.98
CA VAL B 627 23.42 -6.44 17.88
C VAL B 627 21.93 -6.11 17.86
N LEU B 628 21.09 -7.14 17.71
CA LEU B 628 19.64 -6.97 17.78
C LEU B 628 19.15 -7.22 19.20
N ALA B 629 18.14 -6.46 19.62
CA ALA B 629 17.59 -6.60 20.97
C ALA B 629 16.08 -6.46 20.93
N ASN B 630 15.43 -7.22 21.81
CA ASN B 630 13.99 -7.33 21.91
C ASN B 630 13.26 -7.60 20.58
N PRO B 631 13.42 -8.79 20.00
CA PRO B 631 12.67 -9.10 18.78
C PRO B 631 11.25 -9.53 19.12
N VAL B 632 10.44 -9.55 18.09
CA VAL B 632 9.03 -9.86 18.19
C VAL B 632 8.81 -11.25 17.61
N GLY B 633 7.87 -12.00 18.18
CA GLY B 633 7.42 -13.21 17.51
C GLY B 633 6.71 -12.86 16.22
N SER B 634 7.03 -13.64 15.17
CA SER B 634 6.95 -13.43 13.71
C SER B 634 8.14 -12.65 13.17
N VAL B 635 9.10 -12.25 14.00
CA VAL B 635 10.43 -11.86 13.55
C VAL B 635 11.50 -12.83 14.06
N THR B 636 11.35 -13.30 15.30
CA THR B 636 12.27 -14.29 15.84
C THR B 636 12.16 -15.63 15.14
N GLU B 637 10.94 -16.05 14.78
CA GLU B 637 10.80 -17.26 13.98
C GLU B 637 11.24 -17.04 12.53
N ARG B 638 11.27 -15.79 12.08
CA ARG B 638 11.85 -15.47 10.79
C ARG B 638 13.38 -15.39 10.87
N LEU B 639 13.93 -15.20 12.06
CA LEU B 639 15.36 -15.06 12.29
C LEU B 639 16.02 -16.34 12.76
N TYR B 640 15.25 -17.31 13.24
CA TYR B 640 15.82 -18.59 13.66
C TYR B 640 15.45 -19.72 12.70
N ASN B 641 14.90 -19.37 11.54
CA ASN B 641 14.59 -20.29 10.46
C ASN B 641 15.07 -19.73 9.13
N SER B 642 16.28 -19.18 9.12
CA SER B 642 16.84 -18.62 7.91
C SER B 642 18.36 -18.76 7.96
N VAL B 643 18.96 -18.88 6.78
CA VAL B 643 20.42 -18.98 6.69
C VAL B 643 21.07 -17.62 6.97
N VAL B 644 20.31 -16.53 6.80
CA VAL B 644 20.77 -15.19 7.11
C VAL B 644 20.47 -14.85 8.58
N GLY B 645 19.83 -15.75 9.30
CA GLY B 645 19.58 -15.53 10.71
C GLY B 645 20.50 -16.32 11.61
N LYS B 646 21.36 -17.16 11.02
CA LYS B 646 22.42 -17.81 11.77
C LYS B 646 23.74 -17.03 11.73
N THR B 647 23.80 -15.95 10.95
CA THR B 647 24.93 -15.03 11.05
C THR B 647 24.77 -14.05 12.20
N PHE B 648 23.61 -14.05 12.87
CA PHE B 648 23.43 -13.33 14.12
C PHE B 648 23.57 -14.28 15.31
N GLY B 649 22.76 -15.33 15.35
CA GLY B 649 22.92 -16.37 16.33
C GLY B 649 22.30 -16.05 17.67
N SER B 650 22.83 -16.70 18.70
CA SER B 650 22.33 -16.55 20.05
C SER B 650 23.08 -15.50 20.86
N ASP B 651 24.27 -15.10 20.40
CA ASP B 651 25.03 -14.05 21.08
C ASP B 651 24.67 -12.65 20.61
N ARG B 652 23.93 -12.52 19.51
CA ARG B 652 23.58 -11.20 18.97
C ARG B 652 22.08 -10.96 18.94
N VAL B 653 21.29 -11.73 19.68
CA VAL B 653 19.86 -11.51 19.83
C VAL B 653 19.56 -11.57 21.31
N PHE B 654 19.02 -10.49 21.87
CA PHE B 654 18.90 -10.34 23.31
C PHE B 654 17.46 -10.14 23.73
N PHE B 655 17.25 -10.27 25.03
CA PHE B 655 15.91 -10.15 25.61
C PHE B 655 15.43 -8.71 25.58
N SER B 656 16.24 -7.79 26.11
CA SER B 656 15.92 -6.39 26.14
C SER B 656 17.15 -5.60 25.76
N VAL B 657 17.00 -4.27 25.71
CA VAL B 657 18.15 -3.40 25.44
C VAL B 657 19.07 -3.38 26.65
N ALA B 658 18.50 -3.40 27.86
CA ALA B 658 19.29 -3.40 29.08
C ALA B 658 20.06 -4.69 29.28
N GLU B 659 19.64 -5.79 28.65
CA GLU B 659 20.41 -7.01 28.69
C GLU B 659 21.48 -7.04 27.60
N ALA B 660 21.27 -6.29 26.51
CA ALA B 660 22.31 -6.17 25.49
C ALA B 660 23.43 -5.25 25.96
N VAL B 661 23.10 -4.23 26.76
CA VAL B 661 24.13 -3.38 27.34
C VAL B 661 24.91 -4.14 28.41
N ALA B 662 24.21 -4.93 29.23
CA ALA B 662 24.85 -5.61 30.35
C ALA B 662 25.75 -6.75 29.89
N ALA B 663 25.46 -7.35 28.74
CA ALA B 663 26.31 -8.42 28.23
C ALA B 663 27.60 -7.90 27.59
N ALA B 664 27.59 -6.64 27.14
CA ALA B 664 28.69 -5.92 26.51
C ALA B 664 29.29 -6.69 25.33
N PRO B 665 28.60 -6.76 24.18
CA PRO B 665 29.21 -7.41 23.02
C PRO B 665 30.23 -6.49 22.36
N HIS B 666 31.51 -6.78 22.57
CA HIS B 666 32.57 -5.92 22.07
C HIS B 666 33.71 -6.74 21.46
P PO4 C . 25.80 -3.83 -15.56
O1 PO4 C . 25.87 -4.40 -14.16
O2 PO4 C . 26.01 -4.95 -16.55
O3 PO4 C . 24.47 -3.19 -15.77
O4 PO4 C . 26.90 -2.81 -15.74
P PO4 D . -29.38 4.72 6.19
O1 PO4 D . -28.46 5.06 7.34
O2 PO4 D . -30.12 5.97 5.77
O3 PO4 D . -28.55 4.21 5.04
O4 PO4 D . -30.37 3.69 6.62
#